data_3H0P
#
_entry.id   3H0P
#
_cell.length_a   46.589
_cell.length_b   92.169
_cell.length_c   77.075
_cell.angle_alpha   90.00
_cell.angle_beta   92.84
_cell.angle_gamma   90.00
#
_symmetry.space_group_name_H-M   'P 1 21 1'
#
loop_
_entity.id
_entity.type
_entity.pdbx_description
1 polymer S-malonyltransferase
2 non-polymer 'SULFATE ION'
3 water water
#
_entity_poly.entity_id   1
_entity_poly.type   'polypeptide(L)'
_entity_poly.pdbx_seq_one_letter_code
;SNA(MSE)TQFAFVFPGQGSQSVG(MSE)LAE(MSE)AANYPIVEETFAEASAALGYDLWALTQQGPAEELNKTWQTQPA
LLTASVALWRVWQQQGGK(MSE)PAL(MSE)AGHSLGEYSALVCAGVINFADAVRLVE(MSE)RGKF(MSE)QEAVPEGT
GG(MSE)SAIIGLDDASIAKACEESAEGQVVSPVNFNSPGQVVIAGHKEAVERAGAACKAAGAKRALPLPVSVPSHCAL
(MSE)KPAADKLAVELAKITFSAPTVPVVNNVDVKCETDAAAIRDALVRQLYNPVQWTKSVEFIAAQGVEHLYEVGPGKV
LTGLTKRIVDTLTASALNEPAALSAALTQ
;
_entity_poly.pdbx_strand_id   A,B
#
loop_
_chem_comp.id
_chem_comp.type
_chem_comp.name
_chem_comp.formula
SO4 non-polymer 'SULFATE ION' 'O4 S -2'
#
# COMPACT_ATOMS: atom_id res chain seq x y z
N THR A 5 -8.91 -15.84 31.59
CA THR A 5 -7.64 -15.30 31.03
C THR A 5 -7.76 -13.81 30.82
N GLN A 6 -6.67 -13.17 30.42
CA GLN A 6 -6.64 -11.73 30.23
C GLN A 6 -6.63 -11.33 28.76
N PHE A 7 -7.02 -12.24 27.87
CA PHE A 7 -7.07 -11.91 26.47
C PHE A 7 -8.39 -12.30 25.83
N ALA A 8 -8.72 -11.62 24.73
CA ALA A 8 -9.88 -11.93 23.96
C ALA A 8 -9.44 -12.24 22.52
N PHE A 9 -10.30 -12.93 21.81
CA PHE A 9 -10.05 -13.26 20.41
C PHE A 9 -11.02 -12.43 19.57
N VAL A 10 -10.47 -11.72 18.59
CA VAL A 10 -11.24 -10.89 17.68
C VAL A 10 -11.04 -11.38 16.25
N PHE A 11 -12.15 -11.43 15.50
CA PHE A 11 -12.18 -12.01 14.16
C PHE A 11 -12.50 -10.95 13.09
N PRO A 12 -11.64 -10.83 12.07
CA PRO A 12 -11.84 -9.83 11.03
C PRO A 12 -12.80 -10.27 9.92
N GLY A 13 -13.27 -9.30 9.14
CA GLY A 13 -14.19 -9.55 8.02
C GLY A 13 -13.63 -9.08 6.69
N GLN A 14 -14.51 -8.79 5.74
CA GLN A 14 -14.12 -8.34 4.40
C GLN A 14 -13.03 -7.28 4.42
N GLY A 15 -12.03 -7.43 3.56
CA GLY A 15 -10.90 -6.52 3.49
C GLY A 15 -9.60 -7.13 4.01
N SER A 16 -9.70 -8.11 4.89
CA SER A 16 -8.49 -8.71 5.45
C SER A 16 -7.94 -9.87 4.63
N GLN A 17 -8.68 -10.30 3.60
CA GLN A 17 -8.23 -11.40 2.74
C GLN A 17 -7.06 -10.92 1.86
N SER A 18 -6.24 -11.87 1.40
CA SER A 18 -5.15 -11.58 0.47
C SER A 18 -4.71 -12.89 -0.14
N VAL A 19 -4.26 -12.82 -1.39
CA VAL A 19 -3.76 -14.01 -2.08
C VAL A 19 -2.48 -14.44 -1.37
N GLY A 20 -2.42 -15.70 -0.94
CA GLY A 20 -1.23 -16.18 -0.22
C GLY A 20 -1.42 -16.14 1.29
N MSE A 21 -2.58 -15.70 1.75
CA MSE A 21 -2.86 -15.62 3.18
C MSE A 21 -2.70 -16.98 3.84
O MSE A 21 -3.05 -18.02 3.27
CB MSE A 21 -4.27 -15.09 3.43
CG MSE A 21 -5.35 -16.00 2.93
SE MSE A 21 -7.09 -15.10 2.94
CE MSE A 21 -8.22 -16.62 2.87
N LEU A 22 -2.14 -16.95 5.06
CA LEU A 22 -1.90 -18.18 5.85
C LEU A 22 -0.92 -19.20 5.23
N ALA A 23 -0.20 -18.82 4.17
CA ALA A 23 0.74 -19.73 3.51
C ALA A 23 1.79 -20.28 4.46
N GLU A 24 2.42 -19.41 5.23
CA GLU A 24 3.44 -19.85 6.17
C GLU A 24 2.86 -20.67 7.34
N MSE A 25 1.69 -20.31 7.81
CA MSE A 25 1.07 -21.06 8.91
C MSE A 25 0.72 -22.48 8.40
O MSE A 25 0.85 -23.47 9.13
CB MSE A 25 -0.21 -20.33 9.39
CG MSE A 25 -0.84 -20.91 10.65
SE MSE A 25 0.30 -20.67 12.23
CE MSE A 25 0.27 -18.70 12.31
N ALA A 26 0.30 -22.58 7.14
CA ALA A 26 -0.04 -23.89 6.57
C ALA A 26 1.19 -24.80 6.53
N ALA A 27 2.35 -24.20 6.26
CA ALA A 27 3.62 -24.96 6.20
C ALA A 27 4.03 -25.47 7.58
N ASN A 28 3.57 -24.75 8.60
CA ASN A 28 3.88 -25.04 10.00
C ASN A 28 2.96 -26.10 10.58
N TYR A 29 1.68 -26.07 10.18
CA TYR A 29 0.67 -26.98 10.71
C TYR A 29 -0.26 -27.55 9.63
N PRO A 30 -0.25 -28.88 9.44
CA PRO A 30 -1.11 -29.50 8.43
C PRO A 30 -2.59 -29.31 8.67
N ILE A 31 -2.96 -29.00 9.90
CA ILE A 31 -4.36 -28.85 10.25
C ILE A 31 -5.00 -27.65 9.52
N VAL A 32 -4.18 -26.70 9.07
CA VAL A 32 -4.70 -25.57 8.31
C VAL A 32 -5.34 -26.08 6.99
N GLU A 33 -4.57 -26.80 6.18
CA GLU A 33 -5.09 -27.32 4.93
C GLU A 33 -6.16 -28.39 5.11
N GLU A 34 -6.14 -29.09 6.24
CA GLU A 34 -7.20 -30.03 6.52
C GLU A 34 -8.50 -29.29 6.79
N THR A 35 -8.42 -28.19 7.54
CA THR A 35 -9.60 -27.38 7.81
C THR A 35 -10.20 -26.85 6.50
N PHE A 36 -9.33 -26.34 5.61
CA PHE A 36 -9.77 -25.87 4.28
C PHE A 36 -10.33 -27.01 3.42
N ALA A 37 -9.79 -28.22 3.60
CA ALA A 37 -10.28 -29.36 2.84
C ALA A 37 -11.75 -29.65 3.23
N GLU A 38 -12.04 -29.48 4.51
CA GLU A 38 -13.40 -29.67 5.02
C GLU A 38 -14.33 -28.63 4.39
N ALA A 39 -13.88 -27.39 4.32
CA ALA A 39 -14.70 -26.32 3.70
C ALA A 39 -14.86 -26.61 2.21
N SER A 40 -13.76 -26.95 1.54
CA SER A 40 -13.79 -27.31 0.11
C SER A 40 -14.79 -28.44 -0.21
N ALA A 41 -14.88 -29.46 0.67
CA ALA A 41 -15.83 -30.54 0.46
C ALA A 41 -17.27 -30.00 0.57
N ALA A 42 -17.50 -28.99 1.40
CA ALA A 42 -18.85 -28.43 1.56
C ALA A 42 -19.16 -27.47 0.43
N LEU A 43 -18.14 -26.81 -0.10
CA LEU A 43 -18.32 -25.82 -1.15
C LEU A 43 -18.34 -26.40 -2.56
N GLY A 44 -17.60 -27.48 -2.80
CA GLY A 44 -17.54 -28.07 -4.14
C GLY A 44 -16.40 -27.54 -4.99
N TYR A 45 -15.45 -26.86 -4.34
CA TYR A 45 -14.25 -26.35 -5.02
C TYR A 45 -13.11 -26.19 -4.01
N ASP A 46 -11.87 -26.14 -4.48
CA ASP A 46 -10.71 -26.06 -3.60
C ASP A 46 -10.50 -24.65 -3.04
N LEU A 47 -11.01 -24.44 -1.84
CA LEU A 47 -10.96 -23.15 -1.23
C LEU A 47 -9.52 -22.72 -0.96
N TRP A 48 -8.68 -23.66 -0.53
CA TRP A 48 -7.28 -23.35 -0.26
C TRP A 48 -6.58 -22.87 -1.54
N ALA A 49 -6.78 -23.61 -2.63
CA ALA A 49 -6.17 -23.23 -3.91
C ALA A 49 -6.60 -21.80 -4.30
N LEU A 50 -7.86 -21.48 -4.10
CA LEU A 50 -8.35 -20.16 -4.41
C LEU A 50 -7.62 -19.08 -3.60
N THR A 51 -7.43 -19.30 -2.28
CA THR A 51 -6.74 -18.31 -1.46
C THR A 51 -5.26 -18.19 -1.81
N GLN A 52 -4.66 -19.26 -2.30
CA GLN A 52 -3.23 -19.26 -2.60
C GLN A 52 -2.89 -18.83 -4.00
N GLN A 53 -3.77 -19.13 -4.95
CA GLN A 53 -3.47 -18.83 -6.35
C GLN A 53 -4.27 -17.65 -6.87
N GLY A 54 -5.41 -17.37 -6.25
CA GLY A 54 -6.24 -16.26 -6.69
C GLY A 54 -6.92 -16.58 -8.01
N PRO A 55 -6.99 -15.59 -8.92
CA PRO A 55 -6.45 -14.25 -8.72
C PRO A 55 -7.23 -13.47 -7.67
N ALA A 56 -6.68 -12.34 -7.26
CA ALA A 56 -7.29 -11.48 -6.25
C ALA A 56 -8.73 -11.14 -6.62
N GLU A 57 -8.97 -10.92 -7.90
CA GLU A 57 -10.29 -10.56 -8.37
C GLU A 57 -11.35 -11.62 -7.97
N GLU A 58 -10.96 -12.89 -7.97
CA GLU A 58 -11.88 -13.99 -7.60
C GLU A 58 -12.02 -14.13 -6.09
N LEU A 59 -10.88 -14.11 -5.39
CA LEU A 59 -10.88 -14.16 -3.96
C LEU A 59 -11.70 -13.00 -3.41
N ASN A 60 -11.70 -11.86 -4.10
CA ASN A 60 -12.44 -10.66 -3.65
C ASN A 60 -13.96 -10.71 -3.86
N LYS A 61 -14.46 -11.68 -4.63
CA LYS A 61 -15.91 -11.85 -4.79
C LYS A 61 -16.46 -12.29 -3.43
N THR A 62 -17.36 -11.48 -2.88
CA THR A 62 -17.86 -11.66 -1.49
C THR A 62 -18.35 -13.07 -1.13
N TRP A 63 -18.93 -13.80 -2.09
CA TRP A 63 -19.45 -15.16 -1.80
C TRP A 63 -18.30 -16.18 -1.72
N GLN A 64 -17.09 -15.75 -2.09
CA GLN A 64 -15.91 -16.57 -1.98
C GLN A 64 -15.02 -16.03 -0.86
N THR A 65 -15.03 -14.71 -0.66
CA THR A 65 -14.23 -14.10 0.38
C THR A 65 -14.71 -14.55 1.74
N GLN A 66 -16.02 -14.63 1.92
CA GLN A 66 -16.58 -14.96 3.22
C GLN A 66 -16.21 -16.36 3.68
N PRO A 67 -16.43 -17.39 2.85
CA PRO A 67 -15.97 -18.69 3.30
C PRO A 67 -14.44 -18.76 3.48
N ALA A 68 -13.69 -18.07 2.62
CA ALA A 68 -12.23 -18.04 2.73
C ALA A 68 -11.81 -17.44 4.08
N LEU A 69 -12.46 -16.36 4.49
CA LEU A 69 -12.14 -15.69 5.74
C LEU A 69 -12.59 -16.49 6.96
N LEU A 70 -13.80 -17.04 6.90
CA LEU A 70 -14.28 -17.85 7.99
C LEU A 70 -13.33 -19.02 8.17
N THR A 71 -13.04 -19.74 7.08
CA THR A 71 -12.20 -20.94 7.12
C THR A 71 -10.81 -20.64 7.68
N ALA A 72 -10.22 -19.56 7.19
CA ALA A 72 -8.93 -19.13 7.65
C ALA A 72 -8.92 -18.89 9.18
N SER A 73 -9.96 -18.25 9.71
CA SER A 73 -10.03 -17.97 11.14
C SER A 73 -10.24 -19.24 11.95
N VAL A 74 -11.12 -20.13 11.47
CA VAL A 74 -11.36 -21.41 12.15
C VAL A 74 -10.07 -22.24 12.16
N ALA A 75 -9.31 -22.21 11.05
CA ALA A 75 -8.03 -22.92 10.95
C ALA A 75 -7.04 -22.46 12.02
N LEU A 76 -6.88 -21.15 12.19
CA LEU A 76 -6.00 -20.60 13.24
C LEU A 76 -6.50 -20.99 14.63
N TRP A 77 -7.81 -21.03 14.80
CA TRP A 77 -8.40 -21.43 16.06
C TRP A 77 -8.01 -22.88 16.36
N ARG A 78 -8.10 -23.73 15.36
CA ARG A 78 -7.75 -25.12 15.49
C ARG A 78 -6.24 -25.29 15.75
N VAL A 79 -5.41 -24.47 15.13
CA VAL A 79 -3.98 -24.52 15.43
C VAL A 79 -3.74 -24.13 16.88
N TRP A 80 -4.38 -23.06 17.32
CA TRP A 80 -4.23 -22.60 18.70
C TRP A 80 -4.56 -23.74 19.70
N GLN A 81 -5.71 -24.38 19.49
CA GLN A 81 -6.12 -25.48 20.37
C GLN A 81 -5.18 -26.65 20.32
N GLN A 82 -4.71 -26.98 19.13
CA GLN A 82 -3.78 -28.11 18.94
C GLN A 82 -2.48 -27.97 19.74
N GLN A 83 -1.99 -26.73 19.83
CA GLN A 83 -0.78 -26.42 20.56
C GLN A 83 -1.01 -26.16 22.06
N GLY A 84 -2.23 -26.32 22.53
CA GLY A 84 -2.46 -26.14 23.97
C GLY A 84 -2.87 -24.73 24.35
N GLY A 85 -3.09 -23.88 23.37
CA GLY A 85 -3.57 -22.54 23.66
C GLY A 85 -4.84 -22.58 24.51
N LYS A 86 -4.88 -21.73 25.54
CA LYS A 86 -6.02 -21.62 26.42
C LYS A 86 -7.16 -20.84 25.78
N MSE A 87 -8.34 -20.93 26.39
CA MSE A 87 -9.53 -20.27 25.88
C MSE A 87 -9.54 -18.78 26.18
O MSE A 87 -9.17 -18.37 27.29
CB MSE A 87 -10.77 -20.92 26.52
CG MSE A 87 -10.90 -22.37 26.16
SE MSE A 87 -11.57 -22.56 24.43
CE MSE A 87 -10.75 -24.27 23.91
N PRO A 88 -9.96 -17.97 25.20
CA PRO A 88 -10.08 -16.54 25.48
C PRO A 88 -11.24 -16.28 26.46
N ALA A 89 -11.22 -15.16 27.15
CA ALA A 89 -12.28 -14.82 28.07
C ALA A 89 -13.55 -14.43 27.33
N LEU A 90 -13.37 -13.97 26.10
CA LEU A 90 -14.46 -13.50 25.29
C LEU A 90 -14.01 -13.43 23.85
N MSE A 91 -14.98 -13.49 22.94
CA MSE A 91 -14.71 -13.36 21.52
C MSE A 91 -15.63 -12.30 20.91
O MSE A 91 -16.71 -12.02 21.43
CB MSE A 91 -14.91 -14.69 20.81
CG MSE A 91 -13.96 -15.79 21.27
SE MSE A 91 -14.35 -17.44 20.33
CE MSE A 91 -13.05 -18.61 21.20
N ALA A 92 -15.17 -11.73 19.78
CA ALA A 92 -15.91 -10.72 19.06
C ALA A 92 -15.48 -10.74 17.59
N GLY A 93 -16.40 -10.41 16.69
CA GLY A 93 -16.08 -10.41 15.27
C GLY A 93 -16.68 -9.25 14.53
N HIS A 94 -16.03 -8.91 13.42
CA HIS A 94 -16.42 -7.78 12.62
C HIS A 94 -17.19 -8.32 11.41
N SER A 95 -18.51 -8.20 11.47
CA SER A 95 -19.45 -8.64 10.43
C SER A 95 -19.29 -10.13 10.10
N LEU A 96 -18.63 -10.48 9.01
CA LEU A 96 -18.37 -11.89 8.72
C LEU A 96 -17.70 -12.55 9.91
N GLY A 97 -16.82 -11.81 10.58
CA GLY A 97 -16.09 -12.33 11.70
C GLY A 97 -16.93 -12.91 12.82
N GLU A 98 -18.15 -12.41 12.96
CA GLU A 98 -19.03 -12.92 13.99
C GLU A 98 -19.34 -14.38 13.76
N TYR A 99 -19.44 -14.79 12.50
CA TYR A 99 -19.71 -16.17 12.18
C TYR A 99 -18.51 -17.01 12.62
N SER A 100 -17.30 -16.50 12.39
CA SER A 100 -16.09 -17.23 12.79
C SER A 100 -16.10 -17.46 14.28
N ALA A 101 -16.39 -16.39 15.02
CA ALA A 101 -16.42 -16.45 16.45
C ALA A 101 -17.47 -17.46 16.89
N LEU A 102 -18.64 -17.47 16.26
CA LEU A 102 -19.71 -18.40 16.62
C LEU A 102 -19.35 -19.88 16.35
N VAL A 103 -18.55 -20.12 15.31
CA VAL A 103 -18.08 -21.47 15.01
C VAL A 103 -17.05 -21.88 16.05
N CYS A 104 -16.13 -20.98 16.35
CA CYS A 104 -15.09 -21.29 17.34
C CYS A 104 -15.68 -21.51 18.74
N ALA A 105 -16.74 -20.75 19.05
CA ALA A 105 -17.44 -20.83 20.35
C ALA A 105 -18.44 -21.99 20.41
N GLY A 106 -18.47 -22.82 19.36
CA GLY A 106 -19.30 -24.01 19.32
C GLY A 106 -20.80 -23.83 19.07
N VAL A 107 -21.22 -22.65 18.61
CA VAL A 107 -22.65 -22.37 18.40
C VAL A 107 -23.15 -22.94 17.06
N ILE A 108 -22.35 -22.76 16.03
CA ILE A 108 -22.68 -23.20 14.69
C ILE A 108 -21.68 -24.22 14.16
N ASN A 109 -22.19 -25.27 13.51
CA ASN A 109 -21.36 -26.28 12.87
C ASN A 109 -20.53 -25.63 11.77
N PHE A 110 -19.26 -26.03 11.70
CA PHE A 110 -18.34 -25.44 10.73
C PHE A 110 -18.80 -25.54 9.29
N ALA A 111 -19.15 -26.74 8.82
CA ALA A 111 -19.63 -26.92 7.46
C ALA A 111 -20.91 -26.12 7.24
N ASP A 112 -21.78 -26.10 8.25
CA ASP A 112 -23.00 -25.29 8.17
C ASP A 112 -22.62 -23.83 7.93
N ALA A 113 -21.65 -23.35 8.71
CA ALA A 113 -21.20 -21.94 8.63
C ALA A 113 -20.60 -21.62 7.28
N VAL A 114 -19.83 -22.56 6.72
CA VAL A 114 -19.21 -22.39 5.43
C VAL A 114 -20.30 -22.22 4.36
N ARG A 115 -21.32 -23.07 4.40
CA ARG A 115 -22.42 -22.96 3.48
C ARG A 115 -23.23 -21.69 3.73
N LEU A 116 -23.41 -21.36 5.00
N LEU A 116 -23.42 -21.35 5.00
CA LEU A 116 -24.17 -20.16 5.37
CA LEU A 116 -24.14 -20.15 5.39
C LEU A 116 -23.56 -18.85 4.88
C LEU A 116 -23.55 -18.86 4.84
N VAL A 117 -22.26 -18.65 5.10
CA VAL A 117 -21.61 -17.41 4.67
C VAL A 117 -21.48 -17.32 3.13
N GLU A 118 -21.46 -18.46 2.45
CA GLU A 118 -21.41 -18.43 1.01
C GLU A 118 -22.71 -17.82 0.53
N MSE A 119 -23.83 -18.28 1.10
CA MSE A 119 -25.14 -17.76 0.74
C MSE A 119 -25.29 -16.31 1.16
O MSE A 119 -25.93 -15.54 0.47
CB MSE A 119 -26.24 -18.59 1.39
CG MSE A 119 -26.40 -19.99 0.84
SE MSE A 119 -27.91 -20.96 1.69
CE MSE A 119 -27.20 -21.06 3.49
N ARG A 120 -24.70 -15.97 2.30
CA ARG A 120 -24.76 -14.62 2.83
C ARG A 120 -24.18 -13.67 1.80
N GLY A 121 -23.01 -14.06 1.25
CA GLY A 121 -22.35 -13.27 0.20
C GLY A 121 -23.19 -13.16 -1.07
N LYS A 122 -23.78 -14.28 -1.50
CA LYS A 122 -24.65 -14.28 -2.65
C LYS A 122 -25.86 -13.36 -2.47
N PHE A 123 -26.53 -13.45 -1.32
CA PHE A 123 -27.70 -12.60 -1.03
C PHE A 123 -27.33 -11.11 -1.03
N MSE A 124 -26.21 -10.77 -0.37
CA MSE A 124 -25.76 -9.39 -0.29
C MSE A 124 -25.48 -8.84 -1.67
O MSE A 124 -25.78 -7.68 -1.95
CB MSE A 124 -24.50 -9.27 0.56
CG MSE A 124 -24.72 -9.50 2.00
SE MSE A 124 -23.03 -9.73 2.96
CE MSE A 124 -22.21 -8.00 2.48
N GLN A 125 -24.86 -9.66 -2.52
CA GLN A 125 -24.50 -9.22 -3.86
C GLN A 125 -25.72 -8.90 -4.73
N GLU A 126 -26.84 -9.58 -4.48
N GLU A 126 -26.83 -9.58 -4.46
CA GLU A 126 -28.06 -9.37 -5.26
CA GLU A 126 -28.05 -9.42 -5.23
C GLU A 126 -29.04 -8.39 -4.62
C GLU A 126 -29.09 -8.51 -4.55
N ALA A 127 -28.73 -7.91 -3.42
CA ALA A 127 -29.66 -7.00 -2.72
C ALA A 127 -30.08 -5.83 -3.61
N VAL A 128 -29.10 -5.14 -4.20
CA VAL A 128 -29.40 -4.02 -5.07
C VAL A 128 -28.77 -4.22 -6.46
N PRO A 129 -29.33 -3.55 -7.47
CA PRO A 129 -28.78 -3.65 -8.79
C PRO A 129 -27.30 -3.32 -8.81
N GLU A 130 -26.58 -3.98 -9.71
CA GLU A 130 -25.16 -3.79 -9.87
C GLU A 130 -24.85 -2.31 -10.04
N GLY A 131 -23.84 -1.83 -9.31
CA GLY A 131 -23.38 -0.44 -9.44
C GLY A 131 -24.22 0.68 -8.84
N THR A 132 -25.19 0.35 -8.00
CA THR A 132 -26.03 1.40 -7.41
C THR A 132 -25.64 1.75 -5.97
N GLY A 133 -24.78 0.93 -5.38
CA GLY A 133 -24.38 1.12 -3.99
C GLY A 133 -22.94 1.49 -3.86
N GLY A 134 -22.53 1.87 -2.64
CA GLY A 134 -21.15 2.23 -2.39
C GLY A 134 -20.84 2.31 -0.92
N MSE A 135 -19.55 2.25 -0.60
CA MSE A 135 -19.07 2.42 0.75
C MSE A 135 -17.82 3.28 0.67
O MSE A 135 -17.01 3.13 -0.27
CB MSE A 135 -18.70 1.09 1.41
CG MSE A 135 -19.78 0.05 1.38
SE MSE A 135 -19.26 -1.48 2.46
CE MSE A 135 -19.61 -0.78 4.24
N SER A 136 -17.67 4.17 1.66
CA SER A 136 -16.52 5.05 1.74
C SER A 136 -16.05 5.19 3.16
N ALA A 137 -14.74 5.13 3.33
CA ALA A 137 -14.13 5.28 4.62
C ALA A 137 -13.87 6.75 4.88
N ILE A 138 -14.50 7.31 5.91
CA ILE A 138 -14.30 8.70 6.30
C ILE A 138 -13.25 8.73 7.38
N ILE A 139 -12.18 9.49 7.15
CA ILE A 139 -11.07 9.57 8.09
C ILE A 139 -10.92 10.93 8.74
N GLY A 140 -10.70 10.93 10.06
CA GLY A 140 -10.46 12.16 10.82
C GLY A 140 -11.61 13.12 11.07
N LEU A 141 -12.81 12.58 11.32
CA LEU A 141 -13.97 13.40 11.62
C LEU A 141 -14.84 12.66 12.65
N ASP A 142 -15.27 13.38 13.69
CA ASP A 142 -16.11 12.79 14.76
C ASP A 142 -17.43 12.22 14.24
N ASP A 143 -17.96 11.23 14.97
CA ASP A 143 -19.21 10.53 14.63
C ASP A 143 -20.41 11.48 14.43
N ALA A 144 -20.50 12.52 15.25
CA ALA A 144 -21.59 13.49 15.16
C ALA A 144 -21.58 14.22 13.82
N SER A 145 -20.43 14.77 13.45
CA SER A 145 -20.28 15.45 12.17
C SER A 145 -20.58 14.54 10.97
N ILE A 146 -20.11 13.29 11.03
CA ILE A 146 -20.35 12.33 9.96
C ILE A 146 -21.86 12.07 9.82
N ALA A 147 -22.53 11.85 10.96
CA ALA A 147 -23.96 11.62 10.94
C ALA A 147 -24.66 12.82 10.32
N LYS A 148 -24.24 14.02 10.69
CA LYS A 148 -24.84 15.23 10.17
C LYS A 148 -24.61 15.35 8.66
N ALA A 149 -23.40 15.07 8.20
CA ALA A 149 -23.10 15.13 6.75
C ALA A 149 -23.94 14.12 5.99
N CYS A 150 -24.17 12.95 6.58
CA CYS A 150 -25.00 11.91 5.93
C CYS A 150 -26.46 12.34 5.81
N GLU A 151 -27.00 12.93 6.86
CA GLU A 151 -28.37 13.42 6.85
C GLU A 151 -28.56 14.50 5.80
N GLU A 152 -27.61 15.42 5.74
CA GLU A 152 -27.67 16.50 4.76
C GLU A 152 -27.54 16.03 3.31
N SER A 153 -26.88 14.89 3.13
CA SER A 153 -26.58 14.36 1.80
C SER A 153 -27.54 13.28 1.29
N ALA A 154 -28.36 12.72 2.17
CA ALA A 154 -29.23 11.62 1.79
C ALA A 154 -30.18 11.96 0.65
N GLU A 155 -30.88 13.08 0.78
CA GLU A 155 -31.84 13.52 -0.23
C GLU A 155 -32.80 12.40 -0.65
N GLY A 156 -33.29 11.65 0.34
CA GLY A 156 -34.26 10.57 0.08
C GLY A 156 -33.66 9.20 -0.16
N GLN A 157 -32.36 9.19 -0.44
CA GLN A 157 -31.59 7.99 -0.66
C GLN A 157 -31.03 7.48 0.67
N VAL A 158 -30.32 6.36 0.63
CA VAL A 158 -29.69 5.80 1.83
C VAL A 158 -28.20 6.17 1.90
N VAL A 159 -27.78 6.71 3.04
CA VAL A 159 -26.38 6.96 3.31
C VAL A 159 -26.29 7.11 4.83
N SER A 160 -25.54 6.19 5.44
CA SER A 160 -25.39 6.13 6.87
C SER A 160 -23.98 5.70 7.28
N PRO A 161 -23.58 6.02 8.51
CA PRO A 161 -22.31 5.53 9.10
C PRO A 161 -22.58 4.07 9.41
N VAL A 162 -21.84 3.15 8.81
CA VAL A 162 -22.14 1.73 9.02
C VAL A 162 -21.06 0.92 9.76
N ASN A 163 -19.79 1.26 9.60
CA ASN A 163 -18.78 0.59 10.37
C ASN A 163 -18.05 1.62 11.23
N PHE A 164 -18.31 1.60 12.50
CA PHE A 164 -17.58 2.45 13.43
C PHE A 164 -16.30 1.75 13.84
N ASN A 165 -15.31 1.82 12.98
CA ASN A 165 -14.05 1.09 13.21
C ASN A 165 -13.18 1.64 14.33
N SER A 166 -13.10 2.96 14.41
CA SER A 166 -12.40 3.57 15.48
C SER A 166 -12.77 5.03 15.44
N PRO A 167 -12.44 5.77 16.51
CA PRO A 167 -12.63 7.19 16.42
C PRO A 167 -11.68 7.65 15.31
N GLY A 168 -12.16 8.41 14.35
CA GLY A 168 -11.32 8.84 13.25
C GLY A 168 -11.36 7.91 12.04
N GLN A 169 -12.11 6.82 12.15
N GLN A 169 -12.09 6.79 12.16
CA GLN A 169 -12.26 5.90 11.04
CA GLN A 169 -12.23 5.84 11.06
C GLN A 169 -13.65 5.27 11.04
C GLN A 169 -13.66 5.26 11.05
N VAL A 170 -14.52 5.82 10.20
CA VAL A 170 -15.89 5.38 10.12
C VAL A 170 -16.20 5.12 8.65
N VAL A 171 -16.72 3.96 8.35
CA VAL A 171 -17.10 3.70 6.98
C VAL A 171 -18.58 4.00 6.81
N ILE A 172 -18.91 4.73 5.75
CA ILE A 172 -20.30 5.04 5.43
C ILE A 172 -20.73 4.19 4.22
N ALA A 173 -22.04 4.01 4.05
CA ALA A 173 -22.59 3.18 2.97
C ALA A 173 -23.99 3.59 2.56
N GLY A 174 -24.36 3.22 1.35
CA GLY A 174 -25.72 3.47 0.83
C GLY A 174 -25.72 3.57 -0.66
N HIS A 175 -26.66 4.35 -1.21
CA HIS A 175 -26.71 4.59 -2.62
C HIS A 175 -25.43 5.30 -2.98
N LYS A 176 -24.84 4.90 -4.10
CA LYS A 176 -23.55 5.48 -4.46
C LYS A 176 -23.51 7.01 -4.48
N GLU A 177 -24.52 7.63 -5.10
CA GLU A 177 -24.57 9.08 -5.22
C GLU A 177 -24.67 9.74 -3.87
N ALA A 178 -25.42 9.12 -2.96
CA ALA A 178 -25.56 9.65 -1.58
C ALA A 178 -24.21 9.54 -0.84
N VAL A 179 -23.49 8.46 -1.09
CA VAL A 179 -22.19 8.23 -0.47
C VAL A 179 -21.14 9.27 -1.01
N GLU A 180 -21.22 9.56 -2.30
CA GLU A 180 -20.36 10.57 -2.94
C GLU A 180 -20.66 11.95 -2.38
N ARG A 181 -21.94 12.27 -2.23
CA ARG A 181 -22.33 13.52 -1.58
C ARG A 181 -21.88 13.59 -0.13
N ALA A 182 -22.12 12.51 0.63
CA ALA A 182 -21.76 12.49 2.05
C ALA A 182 -20.26 12.63 2.26
N GLY A 183 -19.47 12.00 1.39
CA GLY A 183 -18.00 12.11 1.47
C GLY A 183 -17.53 13.53 1.30
N ALA A 184 -18.10 14.21 0.31
CA ALA A 184 -17.73 15.59 0.02
C ALA A 184 -18.13 16.48 1.19
N ALA A 185 -19.31 16.23 1.77
CA ALA A 185 -19.77 17.01 2.92
C ALA A 185 -18.86 16.76 4.11
N CYS A 186 -18.46 15.51 4.32
CA CYS A 186 -17.53 15.17 5.41
C CYS A 186 -16.20 15.94 5.28
N LYS A 187 -15.66 16.00 4.07
CA LYS A 187 -14.43 16.73 3.82
C LYS A 187 -14.61 18.21 4.17
N ALA A 188 -15.72 18.80 3.72
CA ALA A 188 -16.02 20.20 4.01
C ALA A 188 -16.21 20.44 5.51
N ALA A 189 -16.56 19.37 6.25
CA ALA A 189 -16.76 19.48 7.70
C ALA A 189 -15.46 19.23 8.46
N GLY A 190 -14.37 18.93 7.75
CA GLY A 190 -13.08 18.72 8.38
C GLY A 190 -12.46 17.33 8.24
N ALA A 191 -13.10 16.43 7.51
CA ALA A 191 -12.53 15.11 7.34
C ALA A 191 -11.23 15.22 6.56
N LYS A 192 -10.22 14.48 6.98
CA LYS A 192 -8.94 14.45 6.29
C LYS A 192 -9.14 13.81 4.93
N ARG A 193 -9.99 12.78 4.88
CA ARG A 193 -10.26 12.13 3.62
C ARG A 193 -11.53 11.28 3.59
N ALA A 194 -11.96 11.00 2.37
CA ALA A 194 -13.12 10.19 2.06
C ALA A 194 -12.62 9.22 1.00
N LEU A 195 -12.52 7.96 1.36
CA LEU A 195 -11.94 6.96 0.50
C LEU A 195 -12.91 5.83 0.17
N PRO A 196 -13.44 5.82 -1.06
CA PRO A 196 -14.33 4.73 -1.40
C PRO A 196 -13.67 3.35 -1.25
N LEU A 197 -14.40 2.40 -0.69
CA LEU A 197 -13.88 1.04 -0.54
C LEU A 197 -13.98 0.36 -1.89
N PRO A 198 -13.24 -0.74 -2.07
CA PRO A 198 -13.27 -1.48 -3.32
C PRO A 198 -14.49 -2.43 -3.47
N VAL A 199 -15.39 -2.42 -2.49
CA VAL A 199 -16.60 -3.26 -2.56
C VAL A 199 -17.69 -2.57 -3.38
N SER A 200 -18.62 -3.36 -3.93
CA SER A 200 -19.74 -2.80 -4.71
C SER A 200 -21.06 -2.95 -3.96
N VAL A 201 -21.03 -3.63 -2.84
CA VAL A 201 -22.20 -3.90 -2.03
C VAL A 201 -22.27 -2.93 -0.82
N PRO A 202 -23.39 -2.23 -0.66
CA PRO A 202 -23.52 -1.29 0.46
C PRO A 202 -23.87 -2.05 1.75
N SER A 203 -22.86 -2.66 2.39
CA SER A 203 -23.09 -3.46 3.60
C SER A 203 -23.52 -2.62 4.80
N HIS A 204 -24.25 -3.26 5.69
CA HIS A 204 -24.64 -2.70 6.99
C HIS A 204 -25.54 -1.46 7.01
N CYS A 205 -26.32 -1.30 5.95
CA CYS A 205 -27.24 -0.21 5.87
C CYS A 205 -28.57 -0.78 5.40
N ALA A 206 -29.59 0.08 5.36
CA ALA A 206 -30.94 -0.29 4.98
C ALA A 206 -31.10 -1.07 3.68
N LEU A 207 -30.25 -0.81 2.70
CA LEU A 207 -30.35 -1.48 1.42
C LEU A 207 -30.12 -2.99 1.47
N MSE A 208 -29.51 -3.48 2.57
CA MSE A 208 -29.28 -4.92 2.80
C MSE A 208 -30.54 -5.62 3.34
O MSE A 208 -30.54 -6.84 3.51
CB MSE A 208 -28.14 -5.15 3.79
CG MSE A 208 -26.73 -4.88 3.28
SE MSE A 208 -26.31 -5.88 1.63
CE MSE A 208 -27.12 -4.62 0.38
N LYS A 209 -31.60 -4.85 3.59
CA LYS A 209 -32.84 -5.43 4.12
C LYS A 209 -33.30 -6.71 3.41
N PRO A 210 -33.43 -6.69 2.07
CA PRO A 210 -33.85 -7.94 1.37
C PRO A 210 -32.89 -9.11 1.58
N ALA A 211 -31.60 -8.83 1.59
CA ALA A 211 -30.58 -9.86 1.82
C ALA A 211 -30.74 -10.47 3.22
N ALA A 212 -31.04 -9.62 4.19
CA ALA A 212 -31.23 -10.04 5.59
C ALA A 212 -32.46 -10.92 5.71
N ASP A 213 -33.51 -10.59 4.95
CA ASP A 213 -34.73 -11.38 4.95
C ASP A 213 -34.45 -12.81 4.45
N LYS A 214 -33.68 -12.93 3.37
CA LYS A 214 -33.32 -14.25 2.81
C LYS A 214 -32.38 -15.02 3.74
N LEU A 215 -31.44 -14.30 4.32
CA LEU A 215 -30.49 -14.89 5.25
C LEU A 215 -31.23 -15.48 6.47
N ALA A 216 -32.21 -14.73 6.99
CA ALA A 216 -33.01 -15.20 8.17
C ALA A 216 -33.72 -16.51 7.91
N VAL A 217 -34.11 -16.72 6.66
CA VAL A 217 -34.75 -17.98 6.27
C VAL A 217 -33.73 -19.10 6.38
N GLU A 218 -32.55 -18.88 5.79
CA GLU A 218 -31.50 -19.89 5.78
C GLU A 218 -30.95 -20.15 7.17
N LEU A 219 -30.85 -19.09 7.97
CA LEU A 219 -30.37 -19.20 9.33
C LEU A 219 -31.32 -20.00 10.22
N ALA A 220 -32.61 -19.88 9.94
CA ALA A 220 -33.65 -20.59 10.73
C ALA A 220 -33.52 -22.10 10.63
N LYS A 221 -32.87 -22.57 9.56
CA LYS A 221 -32.70 -24.00 9.33
C LYS A 221 -31.42 -24.58 9.91
N ILE A 222 -30.59 -23.73 10.51
CA ILE A 222 -29.30 -24.16 11.04
C ILE A 222 -29.35 -24.29 12.54
N THR A 223 -29.04 -25.47 13.04
CA THR A 223 -29.04 -25.77 14.46
C THR A 223 -28.00 -24.92 15.23
N PHE A 224 -28.49 -24.10 16.17
CA PHE A 224 -27.60 -23.27 17.01
C PHE A 224 -27.53 -23.91 18.38
N SER A 225 -26.31 -24.23 18.80
CA SER A 225 -26.07 -24.85 20.10
C SER A 225 -25.56 -23.79 21.06
N ALA A 226 -25.46 -24.16 22.32
CA ALA A 226 -25.02 -23.27 23.38
C ALA A 226 -23.54 -22.94 23.22
N PRO A 227 -23.17 -21.66 23.40
CA PRO A 227 -21.77 -21.24 23.26
C PRO A 227 -20.93 -21.70 24.43
N THR A 228 -19.74 -22.25 24.14
CA THR A 228 -18.83 -22.71 25.18
C THR A 228 -17.85 -21.61 25.58
N VAL A 229 -17.91 -20.49 24.86
CA VAL A 229 -17.10 -19.29 25.09
C VAL A 229 -18.02 -18.09 24.79
N PRO A 230 -18.01 -17.05 25.64
CA PRO A 230 -18.93 -15.95 25.41
C PRO A 230 -18.58 -15.11 24.19
N VAL A 231 -19.60 -14.64 23.47
CA VAL A 231 -19.38 -13.84 22.27
C VAL A 231 -20.17 -12.55 22.36
N VAL A 232 -19.49 -11.40 22.26
CA VAL A 232 -20.19 -10.10 22.26
C VAL A 232 -20.50 -9.75 20.80
N ASN A 233 -21.77 -9.54 20.48
CA ASN A 233 -22.12 -9.17 19.10
C ASN A 233 -21.90 -7.69 18.87
N ASN A 234 -21.64 -7.35 17.62
CA ASN A 234 -21.31 -6.01 17.20
C ASN A 234 -22.51 -5.14 16.86
N VAL A 235 -23.69 -5.75 16.71
CA VAL A 235 -24.87 -4.96 16.37
C VAL A 235 -25.49 -4.32 17.61
N ASP A 236 -25.51 -5.06 18.72
CA ASP A 236 -26.07 -4.55 19.99
C ASP A 236 -25.01 -4.32 21.07
N VAL A 237 -23.80 -4.82 20.85
CA VAL A 237 -22.71 -4.71 21.82
C VAL A 237 -23.08 -5.43 23.12
N LYS A 238 -23.37 -6.73 23.01
CA LYS A 238 -23.75 -7.53 24.17
C LYS A 238 -23.60 -9.02 23.90
N CYS A 239 -23.56 -9.82 24.97
CA CYS A 239 -23.42 -11.25 24.84
C CYS A 239 -24.78 -11.96 24.92
N GLU A 240 -25.10 -12.76 23.91
CA GLU A 240 -26.34 -13.53 23.89
C GLU A 240 -25.99 -15.03 23.93
N THR A 241 -26.86 -15.82 24.56
CA THR A 241 -26.67 -17.28 24.65
C THR A 241 -27.84 -18.04 24.02
N ASP A 242 -29.02 -17.43 24.02
CA ASP A 242 -30.20 -18.04 23.39
C ASP A 242 -30.09 -18.03 21.87
N ALA A 243 -30.22 -19.21 21.27
CA ALA A 243 -30.13 -19.37 19.80
C ALA A 243 -30.93 -18.32 19.03
N ALA A 244 -32.21 -18.15 19.38
CA ALA A 244 -33.07 -17.17 18.69
C ALA A 244 -32.48 -15.77 18.82
N ALA A 245 -31.84 -15.50 19.95
CA ALA A 245 -31.21 -14.20 20.20
C ALA A 245 -29.99 -14.01 19.30
N ILE A 246 -29.15 -15.03 19.24
CA ILE A 246 -27.96 -14.97 18.43
C ILE A 246 -28.34 -14.81 16.98
N ARG A 247 -29.36 -15.56 16.55
CA ARG A 247 -29.83 -15.52 15.15
C ARG A 247 -30.31 -14.18 14.73
N ASP A 248 -31.21 -13.61 15.53
CA ASP A 248 -31.79 -12.31 15.19
C ASP A 248 -30.72 -11.24 15.09
N ALA A 249 -29.70 -11.33 15.94
CA ALA A 249 -28.59 -10.37 15.90
C ALA A 249 -27.83 -10.53 14.60
N LEU A 250 -27.67 -11.78 14.15
CA LEU A 250 -27.03 -12.04 12.88
C LEU A 250 -27.89 -11.47 11.74
N VAL A 251 -29.20 -11.65 11.83
CA VAL A 251 -30.08 -11.10 10.78
C VAL A 251 -29.95 -9.57 10.75
N ARG A 252 -30.11 -8.94 11.92
CA ARG A 252 -30.07 -7.48 12.02
C ARG A 252 -28.70 -6.90 11.72
N GLN A 253 -27.65 -7.67 11.97
CA GLN A 253 -26.28 -7.24 11.70
C GLN A 253 -26.14 -6.79 10.25
N LEU A 254 -26.73 -7.55 9.33
CA LEU A 254 -26.58 -7.30 7.90
C LEU A 254 -27.01 -5.90 7.45
N TYR A 255 -28.04 -5.34 8.08
CA TYR A 255 -28.51 -4.01 7.66
C TYR A 255 -28.40 -2.94 8.75
N ASN A 256 -27.61 -3.23 9.78
CA ASN A 256 -27.36 -2.27 10.87
C ASN A 256 -25.87 -2.06 11.06
N PRO A 257 -25.47 -0.94 11.67
CA PRO A 257 -24.01 -0.66 11.82
C PRO A 257 -23.18 -1.66 12.67
N VAL A 258 -21.93 -1.87 12.29
CA VAL A 258 -21.02 -2.66 13.09
C VAL A 258 -20.41 -1.68 14.10
N GLN A 259 -20.77 -1.83 15.36
CA GLN A 259 -20.29 -0.91 16.41
C GLN A 259 -18.98 -1.44 16.94
N TRP A 260 -17.96 -1.43 16.10
CA TRP A 260 -16.69 -2.03 16.52
C TRP A 260 -16.02 -1.25 17.64
N THR A 261 -16.06 0.07 17.56
CA THR A 261 -15.49 0.90 18.58
C THR A 261 -16.12 0.61 19.93
N LYS A 262 -17.45 0.48 19.97
CA LYS A 262 -18.13 0.18 21.24
C LYS A 262 -17.88 -1.25 21.73
N SER A 263 -17.68 -2.18 20.80
CA SER A 263 -17.43 -3.57 21.16
C SER A 263 -16.07 -3.69 21.85
N VAL A 264 -15.07 -2.97 21.33
CA VAL A 264 -13.75 -2.97 21.94
C VAL A 264 -13.75 -2.23 23.29
N GLU A 265 -14.50 -1.14 23.38
CA GLU A 265 -14.63 -0.42 24.64
C GLU A 265 -15.30 -1.35 25.66
N PHE A 266 -16.24 -2.16 25.19
CA PHE A 266 -16.95 -3.11 26.08
C PHE A 266 -16.02 -4.24 26.56
N ILE A 267 -15.14 -4.69 25.68
CA ILE A 267 -14.19 -5.75 26.00
C ILE A 267 -13.21 -5.27 27.07
N ALA A 268 -12.74 -4.03 26.90
CA ALA A 268 -11.84 -3.42 27.88
C ALA A 268 -12.57 -3.25 29.20
N ALA A 269 -13.85 -2.91 29.13
CA ALA A 269 -14.64 -2.71 30.36
C ALA A 269 -14.79 -4.01 31.14
N GLN A 270 -14.62 -5.15 30.48
CA GLN A 270 -14.72 -6.45 31.14
C GLN A 270 -13.42 -6.77 31.88
N GLY A 271 -12.36 -6.04 31.56
CA GLY A 271 -11.07 -6.26 32.24
C GLY A 271 -10.08 -7.02 31.36
N VAL A 272 -10.44 -7.25 30.09
CA VAL A 272 -9.53 -7.91 29.15
C VAL A 272 -8.38 -6.96 28.89
N GLU A 273 -7.17 -7.50 28.83
CA GLU A 273 -5.98 -6.68 28.65
C GLU A 273 -5.36 -6.73 27.25
N HIS A 274 -5.61 -7.79 26.49
CA HIS A 274 -4.99 -7.95 25.18
C HIS A 274 -5.95 -8.56 24.15
N LEU A 275 -5.87 -8.10 22.91
CA LEU A 275 -6.69 -8.66 21.87
C LEU A 275 -5.82 -9.36 20.86
N TYR A 276 -6.14 -10.60 20.58
CA TYR A 276 -5.45 -11.37 19.56
C TYR A 276 -6.37 -11.44 18.36
N GLU A 277 -5.87 -11.01 17.21
CA GLU A 277 -6.64 -11.06 15.98
C GLU A 277 -6.49 -12.46 15.34
N VAL A 278 -7.56 -13.23 15.32
CA VAL A 278 -7.54 -14.58 14.79
C VAL A 278 -8.07 -14.57 13.35
N GLY A 279 -7.18 -14.26 12.42
CA GLY A 279 -7.50 -14.21 11.00
C GLY A 279 -6.32 -13.66 10.21
N PRO A 280 -6.45 -13.59 8.89
CA PRO A 280 -5.38 -12.99 8.10
C PRO A 280 -5.35 -11.46 8.30
N GLY A 281 -4.21 -10.83 7.96
CA GLY A 281 -4.04 -9.38 8.04
C GLY A 281 -3.88 -8.87 9.46
N LYS A 282 -3.85 -7.55 9.60
CA LYS A 282 -3.68 -6.92 10.93
C LYS A 282 -4.61 -5.73 11.08
N VAL A 283 -5.76 -5.81 10.41
CA VAL A 283 -6.75 -4.75 10.45
C VAL A 283 -7.25 -4.43 11.84
N LEU A 284 -7.83 -5.43 12.52
CA LEU A 284 -8.40 -5.20 13.86
C LEU A 284 -7.29 -4.84 14.84
N THR A 285 -6.14 -5.48 14.68
CA THR A 285 -5.01 -5.19 15.54
C THR A 285 -4.73 -3.70 15.54
N GLY A 286 -4.72 -3.11 14.34
CA GLY A 286 -4.44 -1.68 14.20
C GLY A 286 -5.46 -0.75 14.82
N LEU A 287 -6.72 -1.11 14.79
CA LEU A 287 -7.76 -0.25 15.35
C LEU A 287 -7.74 -0.18 16.89
N THR A 288 -7.26 -1.24 17.52
CA THR A 288 -7.32 -1.37 18.99
C THR A 288 -6.84 -0.18 19.78
N LYS A 289 -5.59 0.21 19.60
CA LYS A 289 -5.07 1.32 20.40
C LYS A 289 -5.80 2.64 20.14
N ARG A 290 -6.38 2.78 18.95
CA ARG A 290 -7.13 3.98 18.60
C ARG A 290 -8.44 4.03 19.37
N ILE A 291 -8.94 2.86 19.78
CA ILE A 291 -10.20 2.77 20.49
C ILE A 291 -9.99 2.89 22.02
N VAL A 292 -9.10 2.07 22.56
CA VAL A 292 -8.79 2.08 23.99
C VAL A 292 -7.29 1.91 24.13
N ASP A 293 -6.60 2.98 24.49
CA ASP A 293 -5.13 2.90 24.56
C ASP A 293 -4.55 2.14 25.75
N THR A 294 -5.39 1.60 26.64
CA THR A 294 -4.87 0.79 27.73
C THR A 294 -4.74 -0.68 27.28
N LEU A 295 -5.27 -1.00 26.11
CA LEU A 295 -5.16 -2.36 25.58
C LEU A 295 -3.93 -2.55 24.71
N THR A 296 -3.50 -3.79 24.57
CA THR A 296 -2.44 -4.13 23.63
C THR A 296 -3.11 -5.10 22.68
N ALA A 297 -2.57 -5.24 21.48
CA ALA A 297 -3.12 -6.17 20.50
C ALA A 297 -2.02 -6.71 19.64
N SER A 298 -2.24 -7.90 19.09
CA SER A 298 -1.28 -8.55 18.17
C SER A 298 -2.05 -9.53 17.31
N ALA A 299 -1.48 -9.89 16.18
CA ALA A 299 -2.15 -10.83 15.26
C ALA A 299 -1.58 -12.22 15.42
N LEU A 300 -2.42 -13.24 15.16
CA LEU A 300 -2.04 -14.65 15.26
C LEU A 300 -2.02 -15.39 13.91
N ASN A 301 -1.45 -14.78 12.89
CA ASN A 301 -1.40 -15.41 11.57
C ASN A 301 0.00 -15.76 11.10
N GLU A 302 1.01 -15.38 11.87
CA GLU A 302 2.41 -15.72 11.55
C GLU A 302 2.91 -16.77 12.54
N PRO A 303 3.57 -17.83 12.04
CA PRO A 303 4.13 -18.89 12.86
C PRO A 303 4.86 -18.43 14.12
N ALA A 304 5.83 -17.53 13.97
CA ALA A 304 6.63 -17.06 15.11
C ALA A 304 5.78 -16.34 16.15
N ALA A 305 4.80 -15.56 15.67
CA ALA A 305 3.90 -14.80 16.53
C ALA A 305 2.97 -15.72 17.33
N LEU A 306 2.44 -16.75 16.68
CA LEU A 306 1.58 -17.69 17.37
C LEU A 306 2.43 -18.48 18.37
N SER A 307 3.63 -18.91 17.96
CA SER A 307 4.52 -19.64 18.86
C SER A 307 4.79 -18.83 20.12
N ALA A 308 5.15 -17.55 19.94
CA ALA A 308 5.43 -16.66 21.08
C ALA A 308 4.24 -16.51 22.00
N ALA A 309 3.05 -16.38 21.42
CA ALA A 309 1.81 -16.15 22.19
C ALA A 309 1.46 -17.34 23.10
N LEU A 310 1.80 -18.54 22.68
CA LEU A 310 1.52 -19.71 23.50
C LEU A 310 2.37 -19.68 24.77
N THR A 311 3.61 -19.23 24.63
CA THR A 311 4.57 -19.16 25.72
C THR A 311 4.34 -17.94 26.60
N GLN A 312 3.86 -18.17 27.82
CA GLN A 312 3.60 -17.07 28.74
C GLN A 312 3.40 -17.58 30.17
N MSE B 4 11.23 35.07 -13.74
CA MSE B 4 11.71 34.01 -12.79
C MSE B 4 10.53 33.26 -12.19
O MSE B 4 9.80 33.80 -11.35
CB MSE B 4 12.56 34.62 -11.67
CG MSE B 4 12.96 33.64 -10.55
SE MSE B 4 14.16 32.19 -11.12
CE MSE B 4 15.78 33.24 -11.49
N THR B 5 10.33 32.01 -12.62
CA THR B 5 9.22 31.21 -12.12
C THR B 5 9.52 30.74 -10.70
N GLN B 6 8.48 30.38 -9.96
CA GLN B 6 8.62 29.98 -8.56
C GLN B 6 8.58 28.48 -8.33
N PHE B 7 8.63 27.70 -9.41
CA PHE B 7 8.59 26.25 -9.32
C PHE B 7 9.80 25.57 -9.97
N ALA B 8 10.11 24.37 -9.50
CA ALA B 8 11.19 23.57 -10.04
C ALA B 8 10.58 22.25 -10.49
N PHE B 9 11.23 21.55 -11.42
CA PHE B 9 10.75 20.24 -11.83
C PHE B 9 11.68 19.17 -11.24
N VAL B 10 11.10 18.18 -10.57
CA VAL B 10 11.88 17.10 -9.98
C VAL B 10 11.47 15.77 -10.65
N PHE B 11 12.48 14.95 -10.93
CA PHE B 11 12.28 13.73 -11.68
C PHE B 11 12.58 12.47 -10.84
N PRO B 12 11.58 11.58 -10.69
CA PRO B 12 11.76 10.41 -9.89
C PRO B 12 12.56 9.29 -10.56
N GLY B 13 13.01 8.34 -9.76
CA GLY B 13 13.76 7.18 -10.26
C GLY B 13 13.06 5.85 -9.98
N GLN B 14 13.88 4.81 -9.90
CA GLN B 14 13.45 3.45 -9.63
C GLN B 14 12.50 3.40 -8.43
N GLY B 15 11.40 2.67 -8.60
CA GLY B 15 10.41 2.47 -7.55
C GLY B 15 9.15 3.24 -7.86
N SER B 16 9.24 4.22 -8.75
CA SER B 16 8.08 5.06 -9.08
C SER B 16 7.21 4.52 -10.20
N GLN B 17 7.71 3.48 -10.86
CA GLN B 17 7.02 2.89 -11.98
C GLN B 17 5.84 2.03 -11.53
N SER B 18 4.89 1.82 -12.43
CA SER B 18 3.74 0.95 -12.17
C SER B 18 3.11 0.58 -13.51
N VAL B 19 2.54 -0.63 -13.59
CA VAL B 19 1.85 -1.06 -14.81
C VAL B 19 0.61 -0.17 -14.96
N GLY B 20 0.47 0.48 -16.12
CA GLY B 20 -0.68 1.36 -16.34
C GLY B 20 -0.32 2.83 -16.23
N MSE B 21 0.88 3.12 -15.77
CA MSE B 21 1.33 4.50 -15.61
C MSE B 21 1.11 5.31 -16.87
O MSE B 21 1.31 4.82 -17.99
CB MSE B 21 2.82 4.54 -15.27
CG MSE B 21 3.72 3.74 -16.20
SE MSE B 21 5.54 3.83 -15.52
CE MSE B 21 6.42 2.51 -16.57
N LEU B 22 0.67 6.55 -16.67
CA LEU B 22 0.46 7.50 -17.77
C LEU B 22 -0.67 7.14 -18.76
N ALA B 23 -1.47 6.13 -18.45
CA ALA B 23 -2.58 5.72 -19.31
C ALA B 23 -3.56 6.86 -19.58
N GLU B 24 -3.94 7.59 -18.53
CA GLU B 24 -4.88 8.69 -18.74
C GLU B 24 -4.27 9.87 -19.50
N MSE B 25 -3.04 10.22 -19.17
CA MSE B 25 -2.34 11.33 -19.86
C MSE B 25 -2.24 11.01 -21.33
O MSE B 25 -2.42 11.90 -22.20
CB MSE B 25 -0.94 11.52 -19.27
CG MSE B 25 -0.25 12.82 -19.74
SE MSE B 25 -1.20 14.43 -19.10
CE MSE B 25 -0.99 14.22 -17.18
N ALA B 26 -1.93 9.76 -21.62
CA ALA B 26 -1.79 9.30 -22.99
C ALA B 26 -3.11 9.42 -23.75
N ALA B 27 -4.23 9.17 -23.09
CA ALA B 27 -5.55 9.32 -23.73
C ALA B 27 -5.85 10.81 -23.95
N ASN B 28 -5.23 11.66 -23.13
CA ASN B 28 -5.43 13.10 -23.20
C ASN B 28 -4.57 13.73 -24.31
N TYR B 29 -3.32 13.24 -24.44
CA TYR B 29 -2.38 13.80 -25.42
C TYR B 29 -1.62 12.72 -26.19
N PRO B 30 -1.80 12.68 -27.52
CA PRO B 30 -1.15 11.71 -28.40
C PRO B 30 0.36 11.83 -28.37
N ILE B 31 0.86 12.96 -27.94
CA ILE B 31 2.29 13.13 -27.91
C ILE B 31 2.95 12.17 -26.90
N VAL B 32 2.20 11.64 -25.91
CA VAL B 32 2.76 10.65 -24.96
C VAL B 32 3.21 9.38 -25.70
N GLU B 33 2.27 8.76 -26.43
CA GLU B 33 2.64 7.55 -27.17
C GLU B 33 3.62 7.82 -28.31
N GLU B 34 3.61 9.04 -28.84
N GLU B 34 3.62 9.03 -28.85
CA GLU B 34 4.55 9.44 -29.87
CA GLU B 34 4.57 9.32 -29.91
C GLU B 34 5.95 9.35 -29.29
C GLU B 34 5.98 9.41 -29.32
N THR B 35 6.09 9.86 -28.07
CA THR B 35 7.38 9.89 -27.38
C THR B 35 7.83 8.50 -27.07
N PHE B 36 6.91 7.65 -26.59
CA PHE B 36 7.25 6.27 -26.32
C PHE B 36 7.66 5.53 -27.60
N ALA B 37 7.05 5.90 -28.73
CA ALA B 37 7.38 5.26 -30.03
C ALA B 37 8.80 5.57 -30.40
N GLU B 38 9.23 6.79 -30.14
N GLU B 38 9.25 6.79 -30.14
CA GLU B 38 10.60 7.19 -30.42
CA GLU B 38 10.63 7.17 -30.42
C GLU B 38 11.57 6.38 -29.54
C GLU B 38 11.56 6.30 -29.56
N ALA B 39 11.19 6.14 -28.29
CA ALA B 39 12.01 5.31 -27.37
C ALA B 39 12.03 3.85 -27.84
N SER B 40 10.87 3.36 -28.25
CA SER B 40 10.73 1.98 -28.74
C SER B 40 11.60 1.69 -29.97
N ALA B 41 11.71 2.67 -30.87
CA ALA B 41 12.50 2.51 -32.07
C ALA B 41 13.98 2.41 -31.68
N ALA B 42 14.37 3.18 -30.65
CA ALA B 42 15.74 3.19 -30.18
C ALA B 42 16.08 1.89 -29.50
N LEU B 43 15.12 1.35 -28.75
CA LEU B 43 15.30 0.10 -27.94
C LEU B 43 15.11 -1.21 -28.68
N GLY B 44 14.23 -1.22 -29.68
CA GLY B 44 13.96 -2.43 -30.43
C GLY B 44 12.79 -3.24 -29.91
N TYR B 45 11.99 -2.64 -29.03
CA TYR B 45 10.78 -3.29 -28.51
C TYR B 45 9.76 -2.22 -28.10
N ASP B 46 8.51 -2.62 -27.91
CA ASP B 46 7.44 -1.66 -27.61
C ASP B 46 7.43 -1.30 -26.14
N LEU B 47 8.09 -0.19 -25.82
CA LEU B 47 8.20 0.24 -24.45
C LEU B 47 6.82 0.62 -23.89
N TRP B 48 5.99 1.27 -24.69
CA TRP B 48 4.65 1.61 -24.22
C TRP B 48 3.86 0.36 -23.80
N ALA B 49 3.92 -0.70 -24.59
CA ALA B 49 3.20 -1.96 -24.27
C ALA B 49 3.68 -2.53 -22.95
N LEU B 50 4.99 -2.52 -22.74
CA LEU B 50 5.56 -2.98 -21.49
C LEU B 50 4.95 -2.20 -20.34
N THR B 51 4.95 -0.86 -20.44
CA THR B 51 4.40 -0.02 -19.34
C THR B 51 2.90 -0.22 -19.07
N GLN B 52 2.13 -0.55 -20.11
CA GLN B 52 0.68 -0.70 -19.97
C GLN B 52 0.21 -2.10 -19.68
N GLN B 53 0.93 -3.09 -20.22
CA GLN B 53 0.56 -4.49 -20.02
C GLN B 53 1.44 -5.23 -19.02
N GLY B 54 2.62 -4.72 -18.76
CA GLY B 54 3.53 -5.38 -17.84
C GLY B 54 4.00 -6.73 -18.39
N PRO B 55 4.02 -7.78 -17.55
CA PRO B 55 3.64 -7.79 -16.15
C PRO B 55 4.62 -7.00 -15.30
N ALA B 56 4.26 -6.77 -14.04
CA ALA B 56 5.11 -5.98 -13.15
C ALA B 56 6.54 -6.52 -13.09
N GLU B 57 6.70 -7.85 -13.07
N GLU B 57 6.67 -7.86 -13.08
CA GLU B 57 8.04 -8.45 -13.01
CA GLU B 57 7.97 -8.51 -13.05
C GLU B 57 8.93 -7.90 -14.12
C GLU B 57 8.92 -7.98 -14.12
N GLU B 58 8.41 -7.84 -15.34
CA GLU B 58 9.18 -7.34 -16.46
C GLU B 58 9.46 -5.84 -16.34
N LEU B 59 8.43 -5.06 -16.01
CA LEU B 59 8.58 -3.62 -15.90
C LEU B 59 9.55 -3.27 -14.77
N ASN B 60 9.66 -4.16 -13.79
CA ASN B 60 10.53 -3.92 -12.64
C ASN B 60 12.00 -4.30 -12.88
N LYS B 61 12.32 -4.96 -14.00
CA LYS B 61 13.72 -5.29 -14.32
C LYS B 61 14.36 -3.97 -14.71
N THR B 62 15.38 -3.60 -13.94
CA THR B 62 15.94 -2.28 -13.99
C THR B 62 16.39 -1.77 -15.36
N TRP B 63 16.87 -2.65 -16.23
CA TRP B 63 17.32 -2.22 -17.56
C TRP B 63 16.11 -1.89 -18.46
N GLN B 64 14.90 -2.17 -17.95
CA GLN B 64 13.62 -1.84 -18.62
C GLN B 64 12.91 -0.76 -17.83
N THR B 65 13.04 -0.81 -16.50
CA THR B 65 12.44 0.20 -15.68
C THR B 65 13.06 1.56 -16.01
N GLN B 66 14.37 1.59 -16.21
CA GLN B 66 15.03 2.87 -16.43
C GLN B 66 14.60 3.57 -17.72
N PRO B 67 14.59 2.86 -18.86
CA PRO B 67 14.10 3.62 -20.03
C PRO B 67 12.60 3.94 -19.94
N ALA B 68 11.83 3.08 -19.29
CA ALA B 68 10.39 3.31 -19.07
C ALA B 68 10.13 4.62 -18.31
N LEU B 69 10.89 4.83 -17.24
CA LEU B 69 10.75 6.00 -16.38
C LEU B 69 11.26 7.26 -17.05
N LEU B 70 12.43 7.17 -17.68
CA LEU B 70 12.98 8.34 -18.43
C LEU B 70 12.02 8.83 -19.50
N THR B 71 11.52 7.86 -20.26
CA THR B 71 10.59 8.13 -21.35
C THR B 71 9.30 8.74 -20.82
N ALA B 72 8.81 8.20 -19.70
CA ALA B 72 7.58 8.71 -19.10
C ALA B 72 7.74 10.18 -18.69
N SER B 73 8.87 10.50 -18.06
CA SER B 73 9.14 11.89 -17.64
C SER B 73 9.33 12.79 -18.82
N VAL B 74 10.04 12.31 -19.84
CA VAL B 74 10.25 13.14 -21.04
C VAL B 74 8.92 13.39 -21.75
N ALA B 75 8.05 12.38 -21.75
CA ALA B 75 6.73 12.52 -22.35
C ALA B 75 5.91 13.61 -21.63
N LEU B 76 5.95 13.60 -20.30
CA LEU B 76 5.25 14.62 -19.52
C LEU B 76 5.82 16.02 -19.81
N TRP B 77 7.15 16.11 -19.92
CA TRP B 77 7.81 17.38 -20.29
C TRP B 77 7.34 17.85 -21.65
N ARG B 78 7.20 16.94 -22.59
CA ARG B 78 6.75 17.30 -23.91
C ARG B 78 5.30 17.79 -23.92
N VAL B 79 4.45 17.18 -23.10
CA VAL B 79 3.08 17.63 -22.99
C VAL B 79 3.04 19.06 -22.44
N TRP B 80 3.80 19.30 -21.38
CA TRP B 80 3.88 20.60 -20.75
C TRP B 80 4.25 21.68 -21.77
N GLN B 81 5.29 21.44 -22.57
CA GLN B 81 5.72 22.44 -23.58
C GLN B 81 4.70 22.61 -24.71
N GLN B 82 4.02 21.53 -25.06
CA GLN B 82 3.03 21.58 -26.13
C GLN B 82 1.88 22.53 -25.74
N GLN B 83 1.55 22.53 -24.47
CA GLN B 83 0.47 23.35 -23.93
C GLN B 83 1.01 24.70 -23.45
N GLY B 84 2.22 25.04 -23.89
CA GLY B 84 2.83 26.33 -23.58
C GLY B 84 3.22 26.56 -22.13
N GLY B 85 3.48 25.50 -21.38
CA GLY B 85 3.93 25.61 -19.99
C GLY B 85 5.24 26.37 -19.82
N LYS B 86 5.32 27.17 -18.77
CA LYS B 86 6.52 27.97 -18.50
C LYS B 86 7.72 27.12 -18.10
N MSE B 87 8.89 27.75 -18.13
CA MSE B 87 10.13 27.07 -17.80
C MSE B 87 10.29 27.01 -16.30
O MSE B 87 10.11 28.01 -15.62
CB MSE B 87 11.30 27.84 -18.40
CG MSE B 87 11.28 27.85 -19.89
SE MSE B 87 11.66 26.04 -20.45
CE MSE B 87 10.57 25.92 -22.07
N PRO B 88 10.64 25.82 -15.77
CA PRO B 88 10.87 25.78 -14.32
C PRO B 88 12.15 26.53 -13.98
N ALA B 89 12.26 27.02 -12.76
CA ALA B 89 13.42 27.77 -12.35
C ALA B 89 14.66 26.88 -12.26
N LEU B 90 14.44 25.60 -11.98
CA LEU B 90 15.50 24.60 -11.90
C LEU B 90 14.91 23.25 -12.06
N MSE B 91 15.77 22.27 -12.29
CA MSE B 91 15.39 20.87 -12.38
C MSE B 91 16.38 20.04 -11.55
O MSE B 91 17.53 20.43 -11.37
CB MSE B 91 15.41 20.37 -13.81
CG MSE B 91 14.45 21.09 -14.74
SE MSE B 91 14.63 20.31 -16.49
CE MSE B 91 13.47 21.54 -17.48
N ALA B 92 15.90 18.91 -11.04
CA ALA B 92 16.70 18.02 -10.25
C ALA B 92 16.09 16.65 -10.41
N GLY B 93 16.91 15.61 -10.28
CA GLY B 93 16.42 14.26 -10.41
C GLY B 93 17.04 13.33 -9.39
N HIS B 94 16.33 12.24 -9.14
CA HIS B 94 16.76 11.23 -8.19
C HIS B 94 17.32 10.01 -8.96
N SER B 95 18.66 9.86 -8.94
CA SER B 95 19.41 8.76 -9.60
C SER B 95 19.09 8.65 -11.11
N LEU B 96 18.24 7.72 -11.49
CA LEU B 96 17.80 7.65 -12.89
C LEU B 96 17.20 8.99 -13.30
N GLY B 97 16.54 9.65 -12.36
CA GLY B 97 15.90 10.93 -12.63
C GLY B 97 16.83 12.03 -13.11
N GLU B 98 18.13 11.95 -12.79
CA GLU B 98 19.05 12.97 -13.26
C GLU B 98 19.18 12.94 -14.79
N TYR B 99 19.01 11.75 -15.35
CA TYR B 99 19.08 11.57 -16.76
C TYR B 99 17.87 12.21 -17.39
N SER B 100 16.72 12.04 -16.76
CA SER B 100 15.50 12.63 -17.28
C SER B 100 15.65 14.14 -17.34
N ALA B 101 16.14 14.72 -16.24
CA ALA B 101 16.32 16.16 -16.13
C ALA B 101 17.23 16.66 -17.23
N LEU B 102 18.35 15.96 -17.41
CA LEU B 102 19.33 16.32 -18.44
C LEU B 102 18.75 16.28 -19.86
N VAL B 103 17.82 15.39 -20.11
CA VAL B 103 17.15 15.37 -21.43
C VAL B 103 16.22 16.58 -21.54
N CYS B 104 15.42 16.82 -20.50
CA CYS B 104 14.49 17.95 -20.57
C CYS B 104 15.24 19.30 -20.65
N ALA B 105 16.35 19.39 -19.91
CA ALA B 105 17.20 20.58 -19.91
C ALA B 105 17.98 20.74 -21.24
N GLY B 106 17.86 19.77 -22.15
CA GLY B 106 18.52 19.85 -23.45
C GLY B 106 20.01 19.55 -23.49
N VAL B 107 20.51 18.84 -22.50
CA VAL B 107 21.93 18.49 -22.45
C VAL B 107 22.23 17.23 -23.23
N ILE B 108 21.37 16.24 -23.07
CA ILE B 108 21.51 14.95 -23.70
C ILE B 108 20.35 14.69 -24.65
N ASN B 109 20.67 14.11 -25.81
CA ASN B 109 19.70 13.71 -26.80
C ASN B 109 18.77 12.62 -26.24
N PHE B 110 17.48 12.77 -26.46
CA PHE B 110 16.51 11.80 -25.96
C PHE B 110 16.86 10.34 -26.34
N ALA B 111 16.94 10.03 -27.63
CA ALA B 111 17.29 8.68 -28.04
C ALA B 111 18.61 8.20 -27.39
N ASP B 112 19.64 9.05 -27.39
CA ASP B 112 20.92 8.67 -26.74
C ASP B 112 20.68 8.29 -25.28
N ALA B 113 19.83 9.06 -24.62
CA ALA B 113 19.54 8.85 -23.21
C ALA B 113 18.78 7.52 -22.96
N VAL B 114 17.90 7.17 -23.89
CA VAL B 114 17.12 5.96 -23.73
C VAL B 114 18.08 4.76 -23.82
N ARG B 115 19.00 4.81 -24.76
CA ARG B 115 19.98 3.74 -24.95
C ARG B 115 20.95 3.71 -23.77
N LEU B 116 21.30 4.88 -23.28
CA LEU B 116 22.21 4.99 -22.15
C LEU B 116 21.68 4.35 -20.86
N VAL B 117 20.43 4.66 -20.50
CA VAL B 117 19.89 4.15 -19.23
C VAL B 117 19.56 2.66 -19.27
N GLU B 118 19.29 2.14 -20.46
CA GLU B 118 19.13 0.68 -20.62
C GLU B 118 20.47 0.00 -20.27
N MSE B 119 21.57 0.52 -20.81
CA MSE B 119 22.87 0.00 -20.51
C MSE B 119 23.20 0.22 -19.02
O MSE B 119 23.81 -0.62 -18.39
CB MSE B 119 23.94 0.64 -21.40
CG MSE B 119 23.98 0.13 -22.80
SE MSE B 119 25.41 0.95 -23.88
CE MSE B 119 24.84 2.81 -23.82
N ARG B 120 22.80 1.36 -18.49
CA ARG B 120 23.03 1.66 -17.07
C ARG B 120 22.39 0.56 -16.23
N GLY B 121 21.15 0.21 -16.56
CA GLY B 121 20.43 -0.87 -15.85
C GLY B 121 21.13 -2.21 -16.04
N LYS B 122 21.57 -2.47 -17.26
CA LYS B 122 22.30 -3.70 -17.55
C LYS B 122 23.61 -3.77 -16.76
N PHE B 123 24.39 -2.67 -16.72
CA PHE B 123 25.67 -2.68 -15.98
C PHE B 123 25.48 -2.81 -14.48
N MSE B 124 24.50 -2.10 -13.95
CA MSE B 124 24.16 -2.19 -12.54
C MSE B 124 23.78 -3.59 -12.13
O MSE B 124 24.16 -4.06 -11.04
CB MSE B 124 23.00 -1.25 -12.23
CG MSE B 124 23.40 0.20 -12.25
SE MSE B 124 21.87 1.42 -12.04
CE MSE B 124 21.17 0.79 -10.36
N GLN B 125 23.04 -4.27 -13.00
CA GLN B 125 22.57 -5.60 -12.68
C GLN B 125 23.70 -6.63 -12.57
N GLU B 126 24.77 -6.41 -13.33
CA GLU B 126 25.89 -7.32 -13.32
C GLU B 126 27.05 -6.90 -12.42
N ALA B 127 26.96 -5.75 -11.76
CA ALA B 127 28.05 -5.30 -10.89
C ALA B 127 28.53 -6.41 -9.93
N VAL B 128 27.57 -7.02 -9.22
CA VAL B 128 27.87 -8.12 -8.31
C VAL B 128 26.98 -9.30 -8.63
N PRO B 129 27.41 -10.52 -8.26
CA PRO B 129 26.62 -11.73 -8.49
C PRO B 129 25.22 -11.57 -7.93
N GLU B 130 24.25 -12.18 -8.59
CA GLU B 130 22.86 -12.08 -8.17
C GLU B 130 22.71 -12.41 -6.69
N GLY B 131 21.89 -11.62 -6.01
CA GLY B 131 21.58 -11.86 -4.61
C GLY B 131 22.61 -11.54 -3.54
N THR B 132 23.80 -11.07 -3.91
CA THR B 132 24.85 -10.79 -2.91
C THR B 132 24.78 -9.38 -2.30
N GLY B 133 23.93 -8.53 -2.85
CA GLY B 133 23.79 -7.17 -2.36
C GLY B 133 22.40 -6.96 -1.78
N GLY B 134 22.23 -5.82 -1.11
CA GLY B 134 20.93 -5.47 -0.54
C GLY B 134 20.79 -3.97 -0.35
N MSE B 135 19.55 -3.53 -0.21
CA MSE B 135 19.24 -2.13 0.10
C MSE B 135 18.19 -2.14 1.17
O MSE B 135 17.32 -3.00 1.18
CB MSE B 135 18.72 -1.34 -1.10
CG MSE B 135 19.63 -1.31 -2.30
SE MSE B 135 19.05 0.02 -3.60
CE MSE B 135 19.78 1.64 -2.77
N SER B 136 18.25 -1.20 2.07
CA SER B 136 17.30 -1.15 3.14
C SER B 136 17.07 0.29 3.58
N ALA B 137 15.80 0.64 3.78
CA ALA B 137 15.42 1.95 4.25
C ALA B 137 15.46 2.03 5.78
N ILE B 138 16.21 2.98 6.31
CA ILE B 138 16.30 3.13 7.76
C ILE B 138 15.41 4.30 8.09
N ILE B 139 14.39 4.05 8.90
CA ILE B 139 13.42 5.08 9.26
C ILE B 139 13.57 5.56 10.68
N GLY B 140 13.55 6.89 10.84
CA GLY B 140 13.59 7.53 12.14
C GLY B 140 14.90 7.55 12.91
N LEU B 141 16.03 7.69 12.21
CA LEU B 141 17.31 7.80 12.89
C LEU B 141 18.16 8.84 12.17
N ASP B 142 18.89 9.66 12.93
CA ASP B 142 19.73 10.71 12.32
C ASP B 142 20.88 10.12 11.49
N ASP B 143 21.36 10.90 10.53
CA ASP B 143 22.43 10.49 9.62
C ASP B 143 23.71 10.04 10.34
N ALA B 144 24.08 10.74 11.41
CA ALA B 144 25.30 10.40 12.14
C ALA B 144 25.25 8.98 12.73
N SER B 145 24.16 8.66 13.38
CA SER B 145 24.00 7.33 13.98
C SER B 145 24.00 6.24 12.90
N ILE B 146 23.34 6.52 11.79
CA ILE B 146 23.30 5.55 10.68
C ILE B 146 24.71 5.28 10.14
N ALA B 147 25.50 6.35 9.97
CA ALA B 147 26.86 6.22 9.47
C ALA B 147 27.70 5.38 10.44
N LYS B 148 27.51 5.62 11.73
CA LYS B 148 28.23 4.89 12.77
C LYS B 148 27.81 3.43 12.80
N ALA B 149 26.50 3.17 12.66
CA ALA B 149 25.99 1.80 12.64
C ALA B 149 26.59 1.06 11.44
N CYS B 150 26.65 1.74 10.28
CA CYS B 150 27.21 1.12 9.09
C CYS B 150 28.67 0.77 9.28
N GLU B 151 29.46 1.67 9.87
CA GLU B 151 30.89 1.39 10.08
C GLU B 151 31.11 0.22 11.02
N GLU B 152 30.32 0.17 12.07
CA GLU B 152 30.45 -0.89 13.03
C GLU B 152 30.03 -2.25 12.46
N SER B 153 29.16 -2.22 11.45
CA SER B 153 28.60 -3.45 10.86
C SER B 153 29.29 -3.98 9.59
N ALA B 154 30.11 -3.14 8.95
CA ALA B 154 30.75 -3.50 7.68
C ALA B 154 31.54 -4.81 7.75
N GLU B 155 32.42 -4.92 8.74
CA GLU B 155 33.26 -6.10 8.94
C GLU B 155 34.00 -6.58 7.68
N GLY B 156 34.58 -5.65 6.93
CA GLY B 156 35.32 -6.01 5.74
C GLY B 156 34.48 -5.94 4.47
N GLN B 157 33.16 -5.91 4.65
CA GLN B 157 32.24 -5.79 3.54
C GLN B 157 31.88 -4.32 3.26
N VAL B 158 31.01 -4.12 2.29
CA VAL B 158 30.53 -2.78 1.96
C VAL B 158 29.16 -2.57 2.59
N VAL B 159 29.01 -1.46 3.31
CA VAL B 159 27.69 -1.02 3.74
C VAL B 159 27.76 0.47 4.10
N SER B 160 26.90 1.27 3.48
CA SER B 160 26.89 2.69 3.79
C SER B 160 25.58 3.34 3.37
N PRO B 161 25.32 4.55 3.89
CA PRO B 161 24.13 5.31 3.48
C PRO B 161 24.23 5.65 2.00
N VAL B 162 23.18 5.39 1.23
CA VAL B 162 23.22 5.62 -0.22
C VAL B 162 22.14 6.59 -0.78
N ASN B 163 21.02 6.75 -0.09
CA ASN B 163 20.00 7.70 -0.52
C ASN B 163 19.54 8.46 0.70
N PHE B 164 19.85 9.73 0.78
CA PHE B 164 19.34 10.57 1.85
C PHE B 164 18.04 11.19 1.33
N ASN B 165 16.93 10.51 1.60
CA ASN B 165 15.62 10.89 1.03
C ASN B 165 14.87 11.97 1.77
N SER B 166 14.86 11.89 3.08
CA SER B 166 14.30 12.93 3.89
C SER B 166 14.88 12.70 5.27
N PRO B 167 14.75 13.70 6.15
CA PRO B 167 15.17 13.44 7.51
C PRO B 167 14.32 12.28 8.01
N GLY B 168 14.94 11.25 8.54
CA GLY B 168 14.16 10.12 9.01
C GLY B 168 13.92 9.05 7.97
N GLN B 169 14.43 9.26 6.75
CA GLN B 169 14.34 8.23 5.70
C GLN B 169 15.63 8.17 4.94
N VAL B 170 16.46 7.20 5.25
CA VAL B 170 17.75 7.08 4.60
C VAL B 170 17.90 5.65 4.16
N VAL B 171 18.21 5.44 2.92
CA VAL B 171 18.38 4.11 2.43
C VAL B 171 19.86 3.73 2.53
N ILE B 172 20.15 2.53 3.06
CA ILE B 172 21.53 2.03 3.09
C ILE B 172 21.68 0.90 2.07
N ALA B 173 22.92 0.60 1.67
CA ALA B 173 23.15 -0.49 0.74
C ALA B 173 24.53 -1.07 0.86
N GLY B 174 24.69 -2.28 0.33
CA GLY B 174 25.98 -2.93 0.32
C GLY B 174 25.82 -4.42 0.25
N HIS B 175 26.81 -5.15 0.74
CA HIS B 175 26.72 -6.58 0.80
C HIS B 175 25.50 -6.88 1.68
N LYS B 176 24.72 -7.87 1.26
CA LYS B 176 23.50 -8.22 1.97
C LYS B 176 23.66 -8.41 3.48
N GLU B 177 24.70 -9.16 3.87
CA GLU B 177 24.90 -9.45 5.28
C GLU B 177 25.25 -8.21 6.07
N ALA B 178 26.09 -7.36 5.49
CA ALA B 178 26.48 -6.10 6.12
C ALA B 178 25.25 -5.18 6.25
N VAL B 179 24.36 -5.24 5.26
CA VAL B 179 23.16 -4.40 5.29
C VAL B 179 22.21 -4.88 6.41
N GLU B 180 22.12 -6.19 6.56
CA GLU B 180 21.32 -6.81 7.61
C GLU B 180 21.88 -6.47 9.00
N ARG B 181 23.19 -6.56 9.16
CA ARG B 181 23.81 -6.20 10.44
C ARG B 181 23.59 -4.73 10.75
N ALA B 182 23.68 -3.88 9.72
CA ALA B 182 23.54 -2.43 9.87
C ALA B 182 22.13 -2.02 10.24
N GLY B 183 21.15 -2.68 9.62
CA GLY B 183 19.76 -2.44 9.94
C GLY B 183 19.50 -2.78 11.40
N ALA B 184 20.16 -3.84 11.88
CA ALA B 184 20.03 -4.27 13.26
C ALA B 184 20.63 -3.25 14.20
N ALA B 185 21.81 -2.75 13.85
CA ALA B 185 22.51 -1.76 14.65
C ALA B 185 21.74 -0.42 14.68
N CYS B 186 21.06 -0.08 13.59
CA CYS B 186 20.25 1.15 13.56
C CYS B 186 19.06 1.04 14.51
N LYS B 187 18.44 -0.14 14.54
CA LYS B 187 17.30 -0.32 15.44
C LYS B 187 17.77 -0.26 16.90
N ALA B 188 18.96 -0.79 17.16
CA ALA B 188 19.50 -0.76 18.51
C ALA B 188 19.87 0.68 18.90
N ALA B 189 20.16 1.52 17.91
CA ALA B 189 20.53 2.93 18.15
C ALA B 189 19.32 3.87 18.17
N GLY B 190 18.11 3.33 18.02
CA GLY B 190 16.90 4.15 18.09
C GLY B 190 16.07 4.27 16.82
N ALA B 191 16.49 3.62 15.74
CA ALA B 191 15.73 3.67 14.50
C ALA B 191 14.37 3.00 14.71
N LYS B 192 13.35 3.59 14.10
CA LYS B 192 11.99 3.09 14.21
C LYS B 192 11.83 1.81 13.39
N ARG B 193 12.43 1.79 12.19
CA ARG B 193 12.30 0.65 11.30
C ARG B 193 13.51 0.49 10.37
N ALA B 194 13.76 -0.75 9.95
CA ALA B 194 14.77 -1.06 8.93
C ALA B 194 13.99 -1.90 7.94
N LEU B 195 13.61 -1.30 6.82
CA LEU B 195 12.78 -1.99 5.84
C LEU B 195 13.51 -2.43 4.56
N PRO B 196 13.69 -3.75 4.36
CA PRO B 196 14.34 -4.14 3.11
C PRO B 196 13.51 -3.68 1.92
N LEU B 197 14.17 -3.30 0.84
CA LEU B 197 13.51 -2.81 -0.36
C LEU B 197 13.47 -3.89 -1.44
N PRO B 198 12.51 -3.79 -2.37
CA PRO B 198 12.35 -4.80 -3.42
C PRO B 198 13.59 -5.01 -4.30
N VAL B 199 14.34 -3.94 -4.53
CA VAL B 199 15.53 -4.01 -5.37
C VAL B 199 16.74 -4.48 -4.55
N SER B 200 17.45 -5.50 -5.04
CA SER B 200 18.64 -6.03 -4.34
C SER B 200 19.98 -5.52 -4.92
N VAL B 201 19.96 -4.91 -6.11
CA VAL B 201 21.18 -4.31 -6.68
C VAL B 201 21.61 -3.18 -5.71
N PRO B 202 22.81 -3.30 -5.13
CA PRO B 202 23.22 -2.31 -4.13
C PRO B 202 23.71 -1.01 -4.78
N SER B 203 22.78 -0.17 -5.20
CA SER B 203 23.16 1.07 -5.89
C SER B 203 23.72 2.15 -4.98
N HIS B 204 24.45 3.07 -5.59
CA HIS B 204 25.04 4.23 -4.94
C HIS B 204 25.97 3.97 -3.75
N CYS B 205 26.68 2.85 -3.84
CA CYS B 205 27.69 2.50 -2.88
C CYS B 205 28.89 1.96 -3.71
N ALA B 206 30.00 1.67 -3.02
CA ALA B 206 31.23 1.20 -3.67
C ALA B 206 31.05 -0.02 -4.58
N LEU B 207 30.10 -0.89 -4.27
CA LEU B 207 29.87 -2.08 -5.11
C LEU B 207 29.50 -1.75 -6.56
N MSE B 208 29.14 -0.49 -6.84
CA MSE B 208 28.75 -0.09 -8.19
C MSE B 208 29.95 0.36 -9.04
O MSE B 208 29.80 0.65 -10.23
CB MSE B 208 27.71 1.04 -8.14
CG MSE B 208 26.32 0.65 -7.71
SE MSE B 208 25.46 -0.67 -8.88
CE MSE B 208 25.96 -2.29 -7.92
N LYS B 209 31.15 0.38 -8.44
CA LYS B 209 32.38 0.79 -9.12
C LYS B 209 32.56 0.15 -10.54
N PRO B 210 32.53 -1.20 -10.64
CA PRO B 210 32.69 -1.78 -11.99
C PRO B 210 31.60 -1.34 -12.97
N ALA B 211 30.38 -1.19 -12.47
CA ALA B 211 29.28 -0.71 -13.30
C ALA B 211 29.55 0.74 -13.71
N ALA B 212 30.02 1.57 -12.76
CA ALA B 212 30.37 2.96 -13.08
C ALA B 212 31.45 3.05 -14.16
N ASP B 213 32.44 2.16 -14.09
CA ASP B 213 33.55 2.16 -15.07
C ASP B 213 33.03 1.87 -16.47
N LYS B 214 32.11 0.92 -16.58
CA LYS B 214 31.57 0.58 -17.90
C LYS B 214 30.65 1.70 -18.35
N LEU B 215 29.94 2.32 -17.40
CA LEU B 215 29.03 3.40 -17.80
C LEU B 215 29.84 4.59 -18.29
N ALA B 216 31.02 4.83 -17.68
CA ALA B 216 31.87 5.98 -18.07
C ALA B 216 32.31 5.90 -19.52
N VAL B 217 32.54 4.67 -19.98
CA VAL B 217 32.94 4.44 -21.36
C VAL B 217 31.81 4.87 -22.28
N GLU B 218 30.59 4.50 -21.93
CA GLU B 218 29.44 4.83 -22.75
C GLU B 218 29.13 6.33 -22.70
N LEU B 219 29.23 6.92 -21.53
CA LEU B 219 28.99 8.35 -21.36
C LEU B 219 29.99 9.19 -22.15
N ALA B 220 31.24 8.71 -22.29
CA ALA B 220 32.26 9.46 -23.09
C ALA B 220 31.92 9.54 -24.58
N LYS B 221 31.03 8.65 -25.01
CA LYS B 221 30.58 8.60 -26.41
C LYS B 221 29.37 9.45 -26.68
N ILE B 222 28.80 10.04 -25.66
CA ILE B 222 27.58 10.81 -25.85
C ILE B 222 27.80 12.31 -25.84
N THR B 223 27.30 12.98 -26.86
CA THR B 223 27.43 14.42 -26.99
C THR B 223 26.59 15.19 -25.95
N PHE B 224 27.26 16.02 -25.12
CA PHE B 224 26.55 16.86 -24.11
C PHE B 224 26.51 18.35 -24.54
N SER B 225 25.38 19.02 -24.28
CA SER B 225 25.19 20.45 -24.58
C SER B 225 24.85 21.22 -23.28
N ALA B 226 25.01 22.54 -23.28
CA ALA B 226 24.70 23.33 -22.06
C ALA B 226 23.19 23.32 -21.86
N PRO B 227 22.74 23.38 -20.58
CA PRO B 227 21.32 23.35 -20.21
C PRO B 227 20.52 24.66 -20.35
N THR B 228 19.27 24.53 -20.80
CA THR B 228 18.37 25.67 -20.96
C THR B 228 17.89 26.12 -19.58
N VAL B 229 17.77 25.15 -18.68
CA VAL B 229 17.38 25.40 -17.29
C VAL B 229 18.48 24.81 -16.39
N PRO B 230 18.87 25.54 -15.34
CA PRO B 230 19.92 24.99 -14.45
C PRO B 230 19.51 23.67 -13.79
N VAL B 231 20.44 22.72 -13.72
CA VAL B 231 20.15 21.43 -13.12
C VAL B 231 21.00 21.25 -11.86
N VAL B 232 20.37 20.95 -10.74
CA VAL B 232 21.09 20.74 -9.49
C VAL B 232 21.40 19.26 -9.44
N ASN B 233 22.69 18.89 -9.40
CA ASN B 233 23.00 17.46 -9.36
C ASN B 233 22.95 16.98 -7.91
N ASN B 234 22.37 15.79 -7.77
CA ASN B 234 22.10 15.14 -6.49
C ASN B 234 23.33 14.55 -5.76
N VAL B 235 24.46 14.48 -6.43
CA VAL B 235 25.66 13.92 -5.84
C VAL B 235 26.45 15.00 -5.08
N ASP B 236 26.67 16.15 -5.73
CA ASP B 236 27.43 17.28 -5.14
C ASP B 236 26.55 18.41 -4.59
N VAL B 237 25.25 18.39 -4.90
CA VAL B 237 24.32 19.43 -4.48
C VAL B 237 24.80 20.80 -4.95
N LYS B 238 24.79 21.00 -6.26
CA LYS B 238 25.17 22.25 -6.86
C LYS B 238 24.62 22.25 -8.26
N CYS B 239 24.44 23.44 -8.84
CA CYS B 239 23.99 23.53 -10.22
C CYS B 239 25.23 23.51 -11.11
N GLU B 240 25.18 22.82 -12.24
CA GLU B 240 26.34 22.80 -13.11
C GLU B 240 26.03 23.09 -14.57
N THR B 241 26.33 24.31 -14.98
CA THR B 241 26.07 24.79 -16.33
C THR B 241 27.15 24.37 -17.35
N ASP B 242 28.34 24.00 -16.87
CA ASP B 242 29.39 23.52 -17.76
C ASP B 242 29.06 22.09 -18.18
N ALA B 243 28.67 21.91 -19.45
CA ALA B 243 28.30 20.58 -19.97
C ALA B 243 29.36 19.49 -19.70
N ALA B 244 30.65 19.85 -19.72
CA ALA B 244 31.73 18.87 -19.45
C ALA B 244 31.74 18.39 -17.99
N ALA B 245 31.50 19.30 -17.05
CA ALA B 245 31.44 18.95 -15.63
C ALA B 245 30.20 18.09 -15.33
N ILE B 246 29.16 18.27 -16.13
CA ILE B 246 27.93 17.50 -15.96
C ILE B 246 28.20 16.03 -16.19
N ARG B 247 28.95 15.74 -17.24
CA ARG B 247 29.27 14.36 -17.57
C ARG B 247 30.11 13.68 -16.46
N ASP B 248 31.12 14.39 -15.92
N ASP B 248 31.09 14.43 -15.95
CA ASP B 248 31.93 13.77 -14.85
CA ASP B 248 31.97 13.93 -14.92
C ASP B 248 31.10 13.55 -13.61
C ASP B 248 31.18 13.65 -13.61
N ALA B 249 30.10 14.39 -13.39
CA ALA B 249 29.24 14.23 -12.21
C ALA B 249 28.41 12.97 -12.37
N LEU B 250 27.91 12.73 -13.58
CA LEU B 250 27.19 11.50 -13.85
C LEU B 250 28.17 10.32 -13.71
N VAL B 251 29.37 10.47 -14.25
CA VAL B 251 30.37 9.39 -14.14
C VAL B 251 30.57 8.95 -12.68
N ARG B 252 30.51 9.87 -11.71
CA ARG B 252 30.70 9.54 -10.27
C ARG B 252 29.43 9.22 -9.48
N GLN B 253 28.28 9.53 -10.07
CA GLN B 253 26.98 9.35 -9.41
C GLN B 253 26.65 7.92 -8.95
N LEU B 254 26.96 6.95 -9.79
CA LEU B 254 26.56 5.56 -9.54
C LEU B 254 27.08 4.92 -8.24
N TYR B 255 28.24 5.37 -7.76
CA TYR B 255 28.82 4.79 -6.54
C TYR B 255 28.91 5.76 -5.39
N ASN B 256 28.23 6.89 -5.53
CA ASN B 256 28.18 7.88 -4.46
C ASN B 256 26.74 8.09 -4.01
N PRO B 257 26.55 8.57 -2.79
CA PRO B 257 25.18 8.72 -2.31
C PRO B 257 24.35 9.80 -3.03
N VAL B 258 23.04 9.61 -3.07
CA VAL B 258 22.13 10.61 -3.60
C VAL B 258 21.72 11.49 -2.44
N GLN B 259 22.10 12.76 -2.49
CA GLN B 259 21.78 13.72 -1.40
C GLN B 259 20.47 14.43 -1.66
N TRP B 260 19.37 13.71 -1.62
CA TRP B 260 18.11 14.32 -1.97
C TRP B 260 17.66 15.36 -0.96
N THR B 261 17.83 15.07 0.31
CA THR B 261 17.45 16.00 1.35
C THR B 261 18.14 17.32 1.14
N LYS B 262 19.46 17.27 0.96
CA LYS B 262 20.21 18.49 0.72
C LYS B 262 19.88 19.17 -0.61
N SER B 263 19.54 18.39 -1.63
CA SER B 263 19.17 18.99 -2.92
C SER B 263 17.86 19.79 -2.77
N VAL B 264 16.89 19.26 -2.03
CA VAL B 264 15.62 19.96 -1.80
C VAL B 264 15.83 21.24 -0.97
N GLU B 265 16.70 21.15 0.03
CA GLU B 265 17.02 22.29 0.84
C GLU B 265 17.72 23.35 -0.03
N PHE B 266 18.55 22.89 -0.96
CA PHE B 266 19.27 23.80 -1.87
C PHE B 266 18.28 24.50 -2.78
N ILE B 267 17.36 23.75 -3.38
CA ILE B 267 16.31 24.29 -4.23
C ILE B 267 15.49 25.39 -3.50
N ALA B 268 15.10 25.12 -2.26
CA ALA B 268 14.34 26.09 -1.48
C ALA B 268 15.19 27.33 -1.23
N ALA B 269 16.48 27.12 -0.98
CA ALA B 269 17.41 28.23 -0.71
C ALA B 269 17.56 29.12 -1.94
N GLN B 270 17.10 28.65 -3.09
CA GLN B 270 17.16 29.42 -4.33
C GLN B 270 15.91 30.28 -4.54
N GLY B 271 14.94 30.18 -3.63
CA GLY B 271 13.72 31.00 -3.74
C GLY B 271 12.54 30.27 -4.37
N VAL B 272 12.76 29.01 -4.74
CA VAL B 272 11.72 28.18 -5.31
C VAL B 272 10.65 27.87 -4.24
N GLU B 273 9.37 28.01 -4.62
CA GLU B 273 8.27 27.79 -3.66
C GLU B 273 7.54 26.43 -3.80
N HIS B 274 7.53 25.86 -5.01
CA HIS B 274 6.78 24.64 -5.27
C HIS B 274 7.57 23.69 -6.15
N LEU B 275 7.44 22.40 -5.90
CA LEU B 275 8.11 21.37 -6.71
C LEU B 275 7.07 20.56 -7.45
N TYR B 276 7.22 20.47 -8.75
CA TYR B 276 6.34 19.63 -9.55
C TYR B 276 7.09 18.37 -9.88
N GLU B 277 6.48 17.23 -9.53
CA GLU B 277 7.08 15.92 -9.83
C GLU B 277 6.70 15.49 -11.27
N VAL B 278 7.70 15.44 -12.14
CA VAL B 278 7.47 15.15 -13.55
C VAL B 278 7.83 13.70 -13.84
N GLY B 279 6.90 12.83 -13.49
CA GLY B 279 7.08 11.41 -13.69
C GLY B 279 5.91 10.72 -13.07
N PRO B 280 5.86 9.39 -13.17
CA PRO B 280 4.80 8.63 -12.57
C PRO B 280 4.95 8.60 -11.04
N GLY B 281 3.84 8.32 -10.34
CA GLY B 281 3.83 8.21 -8.88
C GLY B 281 3.87 9.55 -8.16
N LYS B 282 4.11 9.49 -6.85
CA LYS B 282 4.18 10.69 -6.00
C LYS B 282 5.26 10.56 -4.94
N VAL B 283 6.32 9.84 -5.27
CA VAL B 283 7.42 9.60 -4.35
C VAL B 283 8.12 10.87 -3.93
N LEU B 284 8.61 11.67 -4.88
CA LEU B 284 9.32 12.91 -4.54
C LEU B 284 8.36 13.92 -3.91
N THR B 285 7.12 13.94 -4.39
CA THR B 285 6.09 14.80 -3.85
C THR B 285 5.97 14.56 -2.35
N GLY B 286 5.90 13.30 -1.97
CA GLY B 286 5.79 12.93 -0.58
C GLY B 286 6.97 13.34 0.30
N LEU B 287 8.20 13.28 -0.22
CA LEU B 287 9.40 13.64 0.59
C LEU B 287 9.54 15.14 0.88
N THR B 288 8.99 15.96 -0.02
CA THR B 288 9.16 17.42 0.01
C THR B 288 8.91 18.12 1.35
N LYS B 289 7.71 18.03 1.89
CA LYS B 289 7.43 18.73 3.15
C LYS B 289 8.20 18.17 4.34
N ARG B 290 8.60 16.91 4.26
CA ARG B 290 9.39 16.30 5.33
C ARG B 290 10.75 16.98 5.37
N ILE B 291 11.19 17.46 4.20
CA ILE B 291 12.48 18.12 4.09
C ILE B 291 12.36 19.62 4.43
N VAL B 292 11.47 20.32 3.74
CA VAL B 292 11.21 21.74 4.00
C VAL B 292 9.71 21.88 4.19
N ASP B 293 9.27 22.13 5.41
CA ASP B 293 7.83 22.16 5.71
C ASP B 293 7.05 23.24 4.93
N THR B 294 7.74 24.33 4.57
CA THR B 294 7.10 25.44 3.85
C THR B 294 7.04 25.29 2.32
N LEU B 295 7.75 24.31 1.75
CA LEU B 295 7.67 24.05 0.31
C LEU B 295 6.41 23.27 0.04
N THR B 296 5.76 23.52 -1.09
CA THR B 296 4.62 22.72 -1.46
C THR B 296 5.06 21.86 -2.63
N ALA B 297 4.35 20.77 -2.87
CA ALA B 297 4.67 19.87 -3.98
C ALA B 297 3.42 19.20 -4.50
N SER B 298 3.48 18.81 -5.76
CA SER B 298 2.41 18.09 -6.42
C SER B 298 3.01 17.37 -7.64
N ALA B 299 2.31 16.35 -8.13
CA ALA B 299 2.77 15.56 -9.28
C ALA B 299 2.03 16.01 -10.53
N LEU B 300 2.63 15.77 -11.69
CA LEU B 300 2.06 16.15 -12.97
C LEU B 300 1.78 14.94 -13.87
N ASN B 301 1.28 13.85 -13.30
CA ASN B 301 0.99 12.65 -14.12
C ASN B 301 -0.51 12.45 -14.40
N GLU B 302 -1.37 13.25 -13.74
CA GLU B 302 -2.83 13.18 -13.96
C GLU B 302 -3.27 14.33 -14.87
N PRO B 303 -4.10 14.04 -15.87
CA PRO B 303 -4.58 15.07 -16.78
C PRO B 303 -5.10 16.38 -16.12
N ALA B 304 -6.03 16.28 -15.16
CA ALA B 304 -6.58 17.48 -14.51
C ALA B 304 -5.52 18.24 -13.69
N ALA B 305 -4.57 17.50 -13.11
CA ALA B 305 -3.45 18.09 -12.36
C ALA B 305 -2.57 18.92 -13.27
N LEU B 306 -2.22 18.35 -14.42
CA LEU B 306 -1.37 19.06 -15.36
C LEU B 306 -2.10 20.27 -15.90
N SER B 307 -3.40 20.11 -16.18
CA SER B 307 -4.22 21.20 -16.70
C SER B 307 -4.31 22.35 -15.71
N ALA B 308 -4.44 22.03 -14.42
CA ALA B 308 -4.51 23.03 -13.37
C ALA B 308 -3.19 23.78 -13.24
N ALA B 309 -2.09 23.02 -13.32
CA ALA B 309 -0.73 23.57 -13.19
C ALA B 309 -0.44 24.62 -14.27
N LEU B 310 -0.88 24.35 -15.49
CA LEU B 310 -0.64 25.26 -16.59
C LEU B 310 -1.42 26.55 -16.41
N THR B 311 -2.67 26.41 -15.98
CA THR B 311 -3.58 27.53 -15.84
C THR B 311 -3.43 28.25 -14.51
N GLN B 312 -2.36 29.04 -14.41
CA GLN B 312 -2.08 29.85 -13.23
C GLN B 312 -1.90 31.31 -13.63
S SO4 C . -4.14 -9.55 -2.78
O1 SO4 C . -5.35 -9.37 -3.57
O2 SO4 C . -4.35 -8.87 -1.49
O3 SO4 C . -3.91 -10.95 -2.56
O4 SO4 C . -3.00 -8.95 -3.46
S SO4 D . 34.85 10.04 -6.23
O1 SO4 D . 35.21 9.13 -5.15
O2 SO4 D . 35.48 11.34 -6.02
O3 SO4 D . 35.32 9.50 -7.50
O4 SO4 D . 33.40 10.23 -6.24
S SO4 E . 1.96 -2.59 -10.27
O1 SO4 E . 0.89 -3.13 -11.10
O2 SO4 E . 1.43 -1.56 -9.39
O3 SO4 E . 2.53 -3.68 -9.48
O4 SO4 E . 2.99 -2.04 -11.12
#